data_6B82
#
_entry.id   6B82
#
_cell.length_a   104.920
_cell.length_b   104.920
_cell.length_c   235.000
_cell.angle_alpha   90.00
_cell.angle_beta   90.00
_cell.angle_gamma   90.00
#
_symmetry.space_group_name_H-M   'P 41 2 2'
#
loop_
_entity.id
_entity.type
_entity.pdbx_description
1 polymer 'Cytochrome P450, family 17, subfamily A, polypeptide 1'
2 non-polymer 'PROTOPORPHYRIN IX CONTAINING FE'
3 non-polymer Abiraterone
4 non-polymer 'ACETATE ION'
5 non-polymer 'CHLORIDE ION'
6 water water
#
_entity_poly.entity_id   1
_entity_poly.type   'polypeptide(L)'
_entity_poly.pdbx_seq_one_letter_code
;MAKKTSSKGKKQKMNGFVPAGNRSPPSLPSLPIIGSLMSLVSDSPPHIFFQDLQKKYGDLYSLMMGSHKLLIVNNHHHAK
EILIKKGKIFAGRPRTVTTDLLTRDGKDIAFADYSSTWKFHRKMVHGALCMFGEGSVSIEKIICREASSMCEVLTESQNS
AVDLGPELTRAVTNVVCALCFNSSYKRGDAEFESMLQYSQGIVDTVAKDSLVDIFPWLQIFPNKDLRILRQCISIRDKLL
QKKYEEHKVTYSDNVQRDLLDALLRAKRSSENNNSSTRDVGLTEDHVLMTVGEIFGAGVETTTTTLKWSIAYLVHNPQVQ
RKIQEELDSKIGKERHPQLSDRGNLPYLEATICEVMRIRPVSPLLIPHVALQDSSVGEYTVQKGTRVVINMWSLHHDEKE
WKNPELFDPGRFLNEEGDGLCCPSGSYLPFGAGVRVCLGEALAKMELFLFLAWILQRFTLEMPTGQPLPDLQGKFGVVLQ
PKKFKVVAKVRADWEKSPLMQHCHHHHHH
;
_entity_poly.pdbx_strand_id   A,B
#
# COMPACT_ATOMS: atom_id res chain seq x y z
N ARG A 23 -38.96 -4.32 9.79
CA ARG A 23 -37.91 -3.51 10.48
C ARG A 23 -36.83 -4.41 11.04
N SER A 24 -37.18 -5.49 11.75
CA SER A 24 -36.19 -6.49 12.23
C SER A 24 -35.99 -7.61 11.21
N PRO A 25 -34.73 -8.11 11.08
CA PRO A 25 -34.43 -9.18 10.13
C PRO A 25 -34.99 -10.51 10.61
N PRO A 26 -35.27 -11.44 9.68
CA PRO A 26 -35.65 -12.79 10.11
C PRO A 26 -34.73 -13.36 11.19
N SER A 27 -35.25 -14.29 11.99
CA SER A 27 -34.54 -14.82 13.15
C SER A 27 -34.85 -16.28 13.33
N LEU A 28 -33.82 -17.06 13.67
CA LEU A 28 -34.02 -18.47 14.00
C LEU A 28 -34.80 -18.58 15.29
N PRO A 29 -35.54 -19.68 15.44
CA PRO A 29 -36.29 -19.85 16.69
C PRO A 29 -35.34 -19.93 17.88
N SER A 30 -35.63 -19.17 18.92
CA SER A 30 -34.79 -19.17 20.11
C SER A 30 -35.63 -19.47 21.35
N LEU A 31 -35.07 -20.27 22.24
CA LEU A 31 -35.63 -20.45 23.56
C LEU A 31 -34.97 -19.43 24.49
N PRO A 32 -35.57 -19.19 25.66
CA PRO A 32 -34.86 -18.38 26.66
C PRO A 32 -33.59 -19.11 27.08
N ILE A 33 -32.54 -18.37 27.50
CA ILE A 33 -31.31 -18.96 28.12
C ILE A 33 -30.29 -19.54 27.10
N ILE A 34 -30.77 -20.46 26.26
CA ILE A 34 -29.97 -21.18 25.26
C ILE A 34 -30.05 -20.48 23.91
N GLY A 35 -31.19 -19.88 23.60
CA GLY A 35 -31.42 -19.26 22.32
C GLY A 35 -31.63 -20.25 21.18
N SER A 36 -31.10 -19.88 20.02
CA SER A 36 -31.28 -20.65 18.81
C SER A 36 -30.37 -21.85 18.70
N LEU A 37 -29.48 -22.11 19.68
CA LEU A 37 -28.77 -23.41 19.76
C LEU A 37 -29.74 -24.55 19.56
N MET A 38 -29.24 -25.71 19.18
CA MET A 38 -30.08 -26.92 19.01
C MET A 38 -31.00 -26.88 17.78
N SER A 39 -31.46 -25.68 17.38
CA SER A 39 -31.92 -25.44 15.99
C SER A 39 -30.75 -25.54 15.01
N LEU A 40 -29.56 -25.22 15.49
CA LEU A 40 -28.37 -25.25 14.65
C LEU A 40 -27.41 -26.37 15.07
N VAL A 41 -27.90 -27.60 14.97
CA VAL A 41 -27.05 -28.79 15.03
C VAL A 41 -26.92 -29.31 13.61
N SER A 42 -25.70 -29.75 13.26
CA SER A 42 -25.38 -30.09 11.87
C SER A 42 -24.00 -30.75 11.77
N ASP A 43 -23.85 -31.64 10.79
CA ASP A 43 -22.51 -32.17 10.41
C ASP A 43 -21.80 -31.25 9.41
N SER A 44 -22.52 -30.24 8.90
CA SER A 44 -21.92 -29.21 8.05
C SER A 44 -20.96 -28.34 8.84
N PRO A 45 -19.91 -27.88 8.18
CA PRO A 45 -19.11 -26.81 8.73
C PRO A 45 -19.95 -25.52 8.92
N PRO A 46 -19.70 -24.75 9.99
CA PRO A 46 -20.54 -23.58 10.29
C PRO A 46 -20.79 -22.58 9.16
N HIS A 47 -19.74 -22.24 8.40
CA HIS A 47 -19.89 -21.31 7.25
C HIS A 47 -20.87 -21.80 6.18
N ILE A 48 -20.75 -23.07 5.83
CA ILE A 48 -21.66 -23.71 4.88
C ILE A 48 -23.06 -23.78 5.46
N PHE A 49 -23.14 -24.17 6.73
CA PHE A 49 -24.43 -24.28 7.41
C PHE A 49 -25.18 -22.98 7.29
N PHE A 50 -24.53 -21.88 7.65
CA PHE A 50 -25.14 -20.55 7.60
C PHE A 50 -25.46 -20.09 6.18
N GLN A 51 -24.70 -20.55 5.19
CA GLN A 51 -24.97 -20.25 3.78
C GLN A 51 -26.24 -20.93 3.31
N ASP A 52 -26.45 -22.18 3.73
CA ASP A 52 -27.65 -22.95 3.39
C ASP A 52 -28.91 -22.44 4.12
N LEU A 53 -28.77 -21.96 5.35
CA LEU A 53 -29.89 -21.32 6.05
C LEU A 53 -30.48 -20.13 5.29
N GLN A 54 -29.72 -19.57 4.35
CA GLN A 54 -30.27 -18.55 3.47
C GLN A 54 -31.51 -19.09 2.76
N LYS A 55 -31.51 -20.37 2.44
CA LYS A 55 -32.61 -20.97 1.71
C LYS A 55 -33.97 -20.75 2.41
N LYS A 56 -33.96 -20.70 3.75
CA LYS A 56 -35.15 -20.42 4.56
C LYS A 56 -35.25 -18.99 5.05
N TYR A 57 -34.14 -18.35 5.44
CA TYR A 57 -34.15 -17.02 6.09
C TYR A 57 -33.67 -15.85 5.26
N GLY A 58 -33.09 -16.13 4.10
CA GLY A 58 -32.56 -15.09 3.20
C GLY A 58 -31.11 -14.77 3.44
N ASP A 59 -30.62 -13.73 2.79
CA ASP A 59 -29.21 -13.34 2.84
C ASP A 59 -28.78 -12.65 4.17
N LEU A 60 -29.76 -12.35 5.03
CA LEU A 60 -29.50 -11.63 6.27
C LEU A 60 -30.50 -12.09 7.32
N TYR A 61 -29.99 -12.69 8.41
CA TYR A 61 -30.85 -13.22 9.46
C TYR A 61 -30.11 -13.26 10.78
N SER A 62 -30.87 -13.25 11.88
CA SER A 62 -30.32 -13.28 13.24
C SER A 62 -30.56 -14.61 13.95
N LEU A 63 -29.79 -14.85 14.98
CA LEU A 63 -30.01 -15.98 15.89
C LEU A 63 -29.53 -15.60 17.26
N MET A 64 -29.73 -16.48 18.22
CA MET A 64 -29.35 -16.22 19.59
C MET A 64 -28.46 -17.35 20.07
N MET A 65 -27.20 -17.04 20.26
CA MET A 65 -26.23 -17.97 20.84
C MET A 65 -26.13 -17.69 22.33
N GLY A 66 -26.77 -18.56 23.09
CA GLY A 66 -26.98 -18.35 24.50
C GLY A 66 -27.72 -17.04 24.63
N SER A 67 -27.10 -16.11 25.34
CA SER A 67 -27.66 -14.81 25.67
C SER A 67 -27.42 -13.77 24.56
N HIS A 68 -26.42 -13.99 23.71
CA HIS A 68 -26.00 -12.98 22.74
C HIS A 68 -26.65 -13.13 21.39
N LYS A 69 -26.86 -12.00 20.72
CA LYS A 69 -27.49 -11.98 19.41
C LYS A 69 -26.42 -11.93 18.31
N LEU A 70 -26.45 -12.91 17.39
CA LEU A 70 -25.62 -12.88 16.20
C LEU A 70 -26.46 -12.37 15.05
N LEU A 71 -25.85 -11.59 14.17
CA LEU A 71 -26.44 -11.30 12.87
C LEU A 71 -25.53 -11.85 11.81
N ILE A 72 -26.01 -12.87 11.10
CA ILE A 72 -25.26 -13.46 9.98
C ILE A 72 -25.49 -12.59 8.73
N VAL A 73 -24.41 -12.16 8.10
CA VAL A 73 -24.45 -11.40 6.87
C VAL A 73 -23.85 -12.24 5.75
N ASN A 74 -24.64 -12.48 4.71
CA ASN A 74 -24.18 -13.20 3.52
C ASN A 74 -24.07 -12.36 2.26
N ASN A 75 -24.64 -11.15 2.23
CA ASN A 75 -24.67 -10.31 1.03
C ASN A 75 -23.58 -9.23 1.09
N HIS A 76 -22.77 -9.16 0.05
CA HIS A 76 -21.67 -8.20 -0.03
C HIS A 76 -22.08 -6.74 0.16
N HIS A 77 -23.27 -6.35 -0.30
CA HIS A 77 -23.77 -4.99 -0.08
C HIS A 77 -23.97 -4.73 1.41
N HIS A 78 -24.55 -5.72 2.10
CA HIS A 78 -24.73 -5.65 3.56
C HIS A 78 -23.38 -5.62 4.26
N ALA A 79 -22.49 -6.54 3.87
CA ALA A 79 -21.11 -6.58 4.38
C ALA A 79 -20.36 -5.28 4.27
N LYS A 80 -20.46 -4.65 3.10
CA LYS A 80 -19.77 -3.38 2.87
C LYS A 80 -20.39 -2.23 3.69
N GLU A 81 -21.71 -2.25 3.88
CA GLU A 81 -22.35 -1.28 4.79
C GLU A 81 -21.85 -1.46 6.24
N ILE A 82 -21.62 -2.72 6.64
CA ILE A 82 -21.13 -3.05 7.98
C ILE A 82 -19.71 -2.60 8.15
N LEU A 83 -18.85 -2.96 7.20
CA LEU A 83 -17.42 -2.72 7.29
C LEU A 83 -16.95 -1.32 6.85
N ILE A 84 -17.64 -0.72 5.87
CA ILE A 84 -17.18 0.53 5.26
C ILE A 84 -18.07 1.72 5.60
N LYS A 85 -19.29 1.72 5.04
CA LYS A 85 -20.21 2.86 5.16
C LYS A 85 -20.51 3.21 6.63
N LYS A 86 -20.62 2.18 7.48
CA LYS A 86 -20.85 2.35 8.93
C LYS A 86 -19.79 1.65 9.78
N GLY A 87 -18.53 1.70 9.34
CA GLY A 87 -17.42 0.94 9.93
C GLY A 87 -17.20 1.25 11.39
N LYS A 88 -17.27 2.53 11.76
CA LYS A 88 -17.04 2.96 13.15
C LYS A 88 -18.17 2.52 14.06
N ILE A 89 -19.38 2.44 13.53
CA ILE A 89 -20.52 2.00 14.32
C ILE A 89 -20.32 0.51 14.63
N PHE A 90 -19.94 -0.26 13.62
CA PHE A 90 -19.76 -1.72 13.77
C PHE A 90 -18.29 -2.13 13.96
N ALA A 91 -17.57 -1.33 14.75
CA ALA A 91 -16.15 -1.59 15.03
C ALA A 91 -15.90 -2.18 16.41
N GLY A 92 -16.97 -2.54 17.13
CA GLY A 92 -16.83 -3.21 18.42
C GLY A 92 -16.39 -4.66 18.25
N ARG A 93 -15.78 -5.22 19.30
CA ARG A 93 -15.43 -6.66 19.32
C ARG A 93 -16.04 -7.34 20.55
N PRO A 94 -16.45 -8.61 20.41
CA PRO A 94 -17.07 -9.27 21.54
C PRO A 94 -16.02 -9.79 22.50
N ARG A 95 -16.40 -9.90 23.77
CA ARG A 95 -15.57 -10.49 24.83
C ARG A 95 -16.05 -11.90 25.03
N THR A 96 -15.10 -12.81 25.12
CA THR A 96 -15.33 -14.25 24.98
C THR A 96 -14.28 -14.91 25.83
N VAL A 97 -14.62 -15.94 26.63
CA VAL A 97 -13.65 -16.39 27.66
C VAL A 97 -12.35 -16.95 27.05
N THR A 98 -12.44 -17.63 25.91
CA THR A 98 -11.25 -18.10 25.18
C THR A 98 -10.35 -16.94 24.69
N THR A 99 -10.92 -16.06 23.89
CA THR A 99 -10.17 -14.92 23.36
C THR A 99 -9.62 -14.05 24.51
N ASP A 100 -10.41 -13.90 25.58
CA ASP A 100 -10.00 -13.16 26.76
C ASP A 100 -8.71 -13.72 27.33
N LEU A 101 -8.63 -15.05 27.43
CA LEU A 101 -7.41 -15.72 27.88
C LEU A 101 -6.31 -15.56 26.85
N LEU A 102 -6.63 -15.78 25.58
CA LEU A 102 -5.63 -15.56 24.53
C LEU A 102 -5.04 -14.17 24.51
N THR A 103 -5.84 -13.15 24.82
CA THR A 103 -5.46 -11.75 24.65
C THR A 103 -5.47 -10.93 25.95
N ARG A 104 -5.41 -11.61 27.10
CA ARG A 104 -5.36 -10.91 28.39
C ARG A 104 -6.47 -9.87 28.45
N ASP A 105 -7.70 -10.33 28.20
CA ASP A 105 -8.88 -9.50 28.23
C ASP A 105 -8.77 -8.34 27.24
N GLY A 106 -8.53 -8.69 25.98
CA GLY A 106 -8.64 -7.76 24.87
C GLY A 106 -7.59 -6.67 24.71
N LYS A 107 -6.34 -6.97 25.10
CA LYS A 107 -5.21 -6.03 25.01
C LYS A 107 -4.32 -6.20 23.75
N ASP A 108 -4.84 -6.98 22.80
CA ASP A 108 -4.21 -7.23 21.51
C ASP A 108 -4.77 -6.23 20.53
N ILE A 109 -4.93 -6.60 19.26
CA ILE A 109 -5.56 -5.77 18.23
C ILE A 109 -6.86 -6.38 17.65
N ALA A 110 -6.82 -7.64 17.25
CA ALA A 110 -7.95 -8.29 16.59
C ALA A 110 -9.20 -8.29 17.44
N PHE A 111 -9.05 -8.58 18.73
CA PHE A 111 -10.17 -8.63 19.65
C PHE A 111 -10.21 -7.43 20.59
N ALA A 112 -9.47 -6.37 20.25
CA ALA A 112 -9.49 -5.16 21.07
C ALA A 112 -10.70 -4.37 20.68
N ASP A 113 -11.35 -3.75 21.65
CA ASP A 113 -12.52 -2.93 21.39
C ASP A 113 -12.03 -1.65 20.71
N TYR A 114 -12.95 -1.01 19.97
CA TYR A 114 -12.65 0.18 19.20
C TYR A 114 -12.21 1.25 20.18
N SER A 115 -10.98 1.73 20.05
CA SER A 115 -10.41 2.68 21.02
C SER A 115 -9.16 3.29 20.44
N SER A 116 -8.69 4.37 21.04
CA SER A 116 -7.43 4.96 20.59
C SER A 116 -6.23 4.00 20.75
N THR A 117 -6.29 3.14 21.77
CA THR A 117 -5.28 2.09 21.99
C THR A 117 -5.15 1.21 20.75
N TRP A 118 -6.30 0.73 20.25
CA TRP A 118 -6.35 -0.10 19.05
C TRP A 118 -5.76 0.64 17.86
N LYS A 119 -6.18 1.87 17.64
CA LYS A 119 -5.65 2.67 16.53
C LYS A 119 -4.13 2.79 16.64
N PHE A 120 -3.63 3.01 17.86
CA PHE A 120 -2.21 3.26 18.10
C PHE A 120 -1.34 2.02 17.90
N HIS A 121 -1.81 0.85 18.38
CA HIS A 121 -1.04 -0.38 18.19
C HIS A 121 -1.00 -0.75 16.72
N ARG A 122 -2.09 -0.52 15.99
CA ARG A 122 -2.10 -0.74 14.53
C ARG A 122 -1.03 0.08 13.82
N LYS A 123 -0.94 1.36 14.19
CA LYS A 123 0.01 2.26 13.56
C LYS A 123 1.43 1.85 13.89
N MET A 124 1.64 1.47 15.16
CA MET A 124 2.93 0.95 15.62
C MET A 124 3.43 -0.21 14.78
N VAL A 125 2.54 -1.20 14.61
CA VAL A 125 2.81 -2.36 13.76
C VAL A 125 3.08 -1.95 12.32
N HIS A 126 2.30 -0.99 11.78
CA HIS A 126 2.57 -0.46 10.44
C HIS A 126 3.93 0.17 10.38
N GLY A 127 4.26 1.00 11.35
CA GLY A 127 5.54 1.68 11.32
C GLY A 127 6.72 0.75 11.44
N ALA A 128 6.65 -0.19 12.37
CA ALA A 128 7.75 -1.14 12.57
C ALA A 128 7.99 -1.99 11.32
N LEU A 129 6.90 -2.35 10.64
CA LEU A 129 6.94 -3.06 9.36
C LEU A 129 7.62 -2.22 8.28
N CYS A 130 7.20 -0.95 8.14
CA CYS A 130 7.81 0.02 7.19
C CYS A 130 9.32 0.18 7.48
N MET A 131 9.69 0.23 8.76
CA MET A 131 11.04 0.61 9.20
C MET A 131 12.00 -0.56 9.44
N PHE A 132 11.60 -1.80 9.16
CA PHE A 132 12.30 -2.94 9.74
C PHE A 132 13.80 -3.04 9.39
N GLY A 133 14.61 -3.04 10.46
CA GLY A 133 16.04 -3.37 10.41
C GLY A 133 16.88 -2.38 9.63
N GLU A 134 17.03 -1.19 10.18
CA GLU A 134 17.70 -0.08 9.47
C GLU A 134 19.02 -0.55 8.83
N GLY A 135 19.34 -0.03 7.65
CA GLY A 135 20.64 -0.24 7.05
C GLY A 135 20.88 -1.67 6.57
N SER A 136 20.80 -1.83 5.26
CA SER A 136 21.15 -3.08 4.57
C SER A 136 20.26 -4.28 4.94
N VAL A 137 19.03 -4.01 5.39
CA VAL A 137 18.10 -5.05 5.85
C VAL A 137 16.65 -4.56 5.62
N SER A 138 15.85 -5.40 4.99
CA SER A 138 14.44 -5.11 4.79
C SER A 138 13.75 -6.43 4.91
N ILE A 139 12.48 -6.39 5.28
CA ILE A 139 11.65 -7.60 5.27
C ILE A 139 11.67 -8.34 3.92
N GLU A 140 11.88 -7.63 2.81
CA GLU A 140 12.09 -8.28 1.53
C GLU A 140 13.29 -9.22 1.63
N LYS A 141 14.42 -8.71 2.11
CA LYS A 141 15.67 -9.51 2.17
C LYS A 141 15.57 -10.71 3.10
N ILE A 142 14.72 -10.60 4.12
CA ILE A 142 14.44 -11.70 5.02
C ILE A 142 13.54 -12.75 4.39
N ILE A 143 12.46 -12.32 3.74
CA ILE A 143 11.62 -13.25 3.00
C ILE A 143 12.47 -14.03 1.98
N CYS A 144 13.25 -13.29 1.17
CA CYS A 144 14.18 -13.87 0.17
C CYS A 144 15.21 -14.81 0.78
N ARG A 145 15.72 -14.48 1.96
CA ARG A 145 16.67 -15.33 2.66
C ARG A 145 16.05 -16.66 3.04
N GLU A 146 14.83 -16.61 3.57
CA GLU A 146 14.15 -17.81 4.00
C GLU A 146 13.66 -18.62 2.82
N ALA A 147 13.33 -17.94 1.73
CA ALA A 147 12.99 -18.62 0.48
C ALA A 147 14.17 -19.40 -0.05
N SER A 148 15.35 -18.81 0.09
CA SER A 148 16.57 -19.45 -0.35
C SER A 148 16.89 -20.67 0.51
N SER A 149 16.72 -20.55 1.84
CA SER A 149 16.93 -21.68 2.76
C SER A 149 16.02 -22.85 2.36
N MET A 150 14.76 -22.56 2.12
CA MET A 150 13.80 -23.60 1.75
C MET A 150 14.10 -24.24 0.40
N CYS A 151 14.51 -23.46 -0.58
CA CYS A 151 14.83 -23.98 -1.90
C CYS A 151 16.16 -24.75 -1.92
N GLU A 152 17.10 -24.44 -1.02
CA GLU A 152 18.29 -25.29 -0.84
C GLU A 152 17.87 -26.66 -0.30
N VAL A 153 16.94 -26.70 0.66
CA VAL A 153 16.54 -27.96 1.28
C VAL A 153 15.71 -28.79 0.28
N LEU A 154 14.90 -28.13 -0.54
CA LEU A 154 14.17 -28.78 -1.64
C LEU A 154 15.04 -29.23 -2.82
N THR A 155 16.24 -28.67 -2.96
CA THR A 155 17.26 -29.25 -3.86
C THR A 155 17.97 -30.52 -3.27
N GLU A 156 17.41 -31.10 -2.20
CA GLU A 156 17.59 -32.51 -1.86
C GLU A 156 16.40 -33.26 -2.50
N SER A 157 16.40 -33.25 -3.84
CA SER A 157 15.22 -33.51 -4.70
C SER A 157 14.78 -34.96 -4.70
N GLN A 158 13.50 -35.15 -5.01
CA GLN A 158 12.83 -36.45 -4.98
C GLN A 158 12.75 -37.13 -3.58
N ASN A 159 13.12 -36.39 -2.51
CA ASN A 159 13.36 -36.92 -1.14
C ASN A 159 14.54 -37.90 -1.05
N LEU A 164 7.36 -32.04 1.66
CA LEU A 164 7.51 -30.80 2.43
C LEU A 164 6.24 -30.53 3.21
N GLY A 165 6.19 -29.29 3.73
CA GLY A 165 5.07 -28.75 4.47
C GLY A 165 5.71 -27.96 5.60
N PRO A 166 6.20 -28.66 6.64
CA PRO A 166 6.81 -27.98 7.79
C PRO A 166 8.01 -27.12 7.44
N GLU A 167 8.65 -27.38 6.31
CA GLU A 167 9.72 -26.53 5.84
C GLU A 167 9.20 -25.14 5.46
N LEU A 168 8.08 -25.10 4.73
CA LEU A 168 7.42 -23.84 4.38
C LEU A 168 6.86 -23.16 5.61
N THR A 169 6.34 -23.92 6.56
CA THR A 169 5.87 -23.34 7.84
C THR A 169 7.00 -22.59 8.60
N ARG A 170 8.16 -23.23 8.74
CA ARG A 170 9.31 -22.60 9.37
C ARG A 170 9.86 -21.39 8.59
N ALA A 171 9.81 -21.46 7.27
CA ALA A 171 10.22 -20.34 6.42
C ALA A 171 9.37 -19.14 6.73
N VAL A 172 8.07 -19.38 6.85
CA VAL A 172 7.13 -18.33 7.14
C VAL A 172 7.36 -17.84 8.54
N THR A 173 7.51 -18.76 9.47
CA THR A 173 7.72 -18.38 10.86
C THR A 173 8.92 -17.45 11.05
N ASN A 174 9.99 -17.67 10.30
CA ASN A 174 11.18 -16.83 10.43
C ASN A 174 10.99 -15.39 9.98
N VAL A 175 10.06 -15.14 9.04
CA VAL A 175 9.76 -13.77 8.63
C VAL A 175 9.22 -12.99 9.80
N VAL A 176 8.14 -13.48 10.39
CA VAL A 176 7.48 -12.79 11.50
C VAL A 176 8.31 -12.88 12.80
N CYS A 177 9.16 -13.90 12.89
CA CYS A 177 10.07 -14.04 14.03
C CYS A 177 11.15 -12.95 14.04
N ALA A 178 11.69 -12.64 12.86
CA ALA A 178 12.61 -11.52 12.72
C ALA A 178 11.90 -10.20 12.91
N LEU A 179 10.73 -10.06 12.31
CA LEU A 179 9.95 -8.84 12.41
C LEU A 179 9.60 -8.46 13.86
N CYS A 180 9.35 -9.47 14.69
CA CYS A 180 8.88 -9.26 16.07
C CYS A 180 9.98 -9.31 17.10
N PHE A 181 10.97 -10.18 16.91
CA PHE A 181 11.99 -10.42 17.93
C PHE A 181 13.43 -10.35 17.45
N ASN A 182 13.64 -10.18 16.14
CA ASN A 182 14.96 -10.12 15.54
C ASN A 182 15.76 -11.43 15.70
N SER A 183 15.06 -12.57 15.62
CA SER A 183 15.69 -13.88 15.77
C SER A 183 15.26 -14.83 14.64
N SER A 184 15.51 -16.12 14.83
CA SER A 184 15.23 -17.14 13.85
C SER A 184 15.35 -18.53 14.50
N TYR A 185 14.61 -19.49 13.94
CA TYR A 185 14.73 -20.91 14.29
C TYR A 185 15.55 -21.62 13.23
N LYS A 186 16.70 -22.17 13.61
CA LYS A 186 17.46 -23.02 12.70
C LYS A 186 16.73 -24.32 12.50
N ARG A 187 17.12 -25.03 11.45
CA ARG A 187 16.52 -26.31 11.09
C ARG A 187 16.88 -27.32 12.17
N GLY A 188 15.87 -27.88 12.85
CA GLY A 188 16.08 -28.81 13.94
C GLY A 188 15.75 -28.31 15.34
N ASP A 189 15.71 -26.98 15.57
CA ASP A 189 15.40 -26.43 16.92
C ASP A 189 14.20 -27.11 17.58
N ALA A 190 14.41 -27.48 18.84
CA ALA A 190 13.34 -28.07 19.64
C ALA A 190 12.30 -26.99 19.94
N GLU A 191 12.76 -25.77 20.23
CA GLU A 191 11.85 -24.63 20.47
C GLU A 191 10.81 -24.42 19.33
N PHE A 192 11.20 -24.71 18.08
CA PHE A 192 10.31 -24.53 16.93
C PHE A 192 9.16 -25.50 16.86
N GLU A 193 9.44 -26.79 17.08
CA GLU A 193 8.38 -27.82 17.14
C GLU A 193 7.52 -27.56 18.38
N SER A 194 8.18 -27.13 19.47
CA SER A 194 7.51 -26.78 20.74
C SER A 194 6.47 -25.73 20.55
N MET A 195 6.76 -24.75 19.69
CA MET A 195 5.81 -23.67 19.46
C MET A 195 4.70 -24.09 18.50
N LEU A 196 5.01 -24.92 17.51
CA LEU A 196 4.00 -25.43 16.57
C LEU A 196 2.90 -26.21 17.26
N GLN A 197 3.26 -26.98 18.29
CA GLN A 197 2.27 -27.82 18.99
C GLN A 197 1.41 -27.01 19.95
N TYR A 198 1.99 -26.09 20.74
CA TYR A 198 1.14 -25.20 21.57
C TYR A 198 0.23 -24.30 20.70
N SER A 199 0.75 -23.82 19.57
CA SER A 199 -0.08 -23.05 18.61
C SER A 199 -1.25 -23.84 18.13
N GLN A 200 -1.04 -25.11 17.79
CA GLN A 200 -2.13 -25.98 17.31
C GLN A 200 -3.19 -26.17 18.38
N GLY A 201 -2.76 -26.45 19.60
CA GLY A 201 -3.66 -26.52 20.73
C GLY A 201 -4.50 -25.26 20.90
N ILE A 202 -3.88 -24.10 20.75
CA ILE A 202 -4.59 -22.81 20.81
C ILE A 202 -5.58 -22.72 19.66
N VAL A 203 -5.16 -23.02 18.43
CA VAL A 203 -6.07 -22.92 17.26
C VAL A 203 -7.26 -23.89 17.37
N ASP A 204 -7.06 -25.03 18.04
CA ASP A 204 -8.12 -26.05 18.24
C ASP A 204 -9.12 -25.71 19.36
N THR A 205 -9.05 -24.49 19.91
CA THR A 205 -9.82 -24.14 21.11
C THR A 205 -10.36 -22.71 21.15
N VAL A 206 -9.74 -21.76 20.46
CA VAL A 206 -10.11 -20.36 20.59
C VAL A 206 -11.13 -20.01 19.53
N ALA A 207 -12.08 -19.15 19.93
CA ALA A 207 -13.12 -18.58 19.06
C ALA A 207 -13.87 -19.66 18.31
N LYS A 208 -14.06 -20.77 19.00
CA LYS A 208 -14.97 -21.82 18.58
C LYS A 208 -16.03 -21.79 19.66
N ASP A 209 -17.25 -22.13 19.30
CA ASP A 209 -18.35 -21.96 20.24
C ASP A 209 -18.26 -23.15 21.18
N SER A 210 -17.43 -23.01 22.21
CA SER A 210 -17.05 -24.12 23.05
C SER A 210 -18.31 -24.64 23.76
N LEU A 211 -19.03 -23.71 24.40
CA LEU A 211 -20.12 -23.96 25.36
C LEU A 211 -19.77 -23.05 26.51
N VAL A 212 -18.51 -23.10 26.93
CA VAL A 212 -17.97 -22.12 27.90
C VAL A 212 -17.91 -20.70 27.29
N ASP A 213 -17.70 -20.57 25.99
CA ASP A 213 -17.83 -19.26 25.35
C ASP A 213 -19.27 -18.81 25.31
N ILE A 214 -20.19 -19.71 24.98
CA ILE A 214 -21.61 -19.38 24.91
C ILE A 214 -22.17 -19.10 26.31
N PHE A 215 -21.77 -19.93 27.25
CA PHE A 215 -22.18 -19.81 28.64
C PHE A 215 -20.93 -19.66 29.50
N PRO A 216 -20.43 -18.41 29.63
CA PRO A 216 -19.17 -18.14 30.36
C PRO A 216 -19.12 -18.63 31.81
N TRP A 217 -20.27 -18.78 32.46
CA TRP A 217 -20.34 -19.21 33.86
C TRP A 217 -19.91 -20.64 34.11
N LEU A 218 -19.91 -21.51 33.08
CA LEU A 218 -19.52 -22.91 33.32
C LEU A 218 -18.02 -23.14 33.25
N GLN A 219 -17.26 -22.05 33.11
CA GLN A 219 -15.85 -22.04 33.52
C GLN A 219 -15.64 -22.21 35.05
N ILE A 220 -16.71 -22.19 35.85
CA ILE A 220 -16.63 -22.66 37.25
C ILE A 220 -16.61 -24.21 37.36
N PHE A 221 -16.70 -24.92 36.22
CA PHE A 221 -16.59 -26.37 36.16
C PHE A 221 -15.28 -26.79 35.54
N PRO A 222 -14.93 -28.07 35.67
CA PRO A 222 -13.97 -28.66 34.75
C PRO A 222 -14.44 -28.53 33.29
N ASN A 223 -13.74 -27.68 32.54
CA ASN A 223 -13.82 -27.64 31.10
C ASN A 223 -12.40 -27.98 30.62
N LYS A 224 -12.28 -29.01 29.76
CA LYS A 224 -10.98 -29.49 29.30
C LYS A 224 -10.41 -28.63 28.18
N ASP A 225 -11.25 -27.87 27.47
CA ASP A 225 -10.77 -26.97 26.40
C ASP A 225 -10.00 -25.77 26.99
N LEU A 226 -10.48 -25.25 28.12
CA LEU A 226 -9.71 -24.29 28.91
C LEU A 226 -8.44 -24.86 29.54
N ARG A 227 -8.42 -26.15 29.89
CA ARG A 227 -7.20 -26.80 30.37
C ARG A 227 -6.14 -26.90 29.25
N ILE A 228 -6.56 -27.16 28.00
CA ILE A 228 -5.62 -27.20 26.84
C ILE A 228 -5.10 -25.78 26.58
N LEU A 229 -6.02 -24.82 26.43
CA LEU A 229 -5.69 -23.40 26.63
C LEU A 229 -5.05 -23.26 28.01
N ARG A 230 -4.73 -22.05 28.45
CA ARG A 230 -4.12 -21.86 29.78
C ARG A 230 -2.77 -22.54 29.84
N GLN A 231 -2.76 -23.85 29.55
CA GLN A 231 -1.56 -24.64 29.30
C GLN A 231 -0.78 -24.18 28.07
N CYS A 232 -1.42 -24.17 26.91
CA CYS A 232 -0.76 -23.63 25.69
C CYS A 232 -0.38 -22.17 25.87
N ILE A 233 -1.22 -21.43 26.59
CA ILE A 233 -0.96 -20.03 26.87
C ILE A 233 0.21 -19.80 27.86
N SER A 234 0.35 -20.63 28.90
CA SER A 234 1.47 -20.47 29.83
C SER A 234 2.80 -20.78 29.13
N ILE A 235 2.77 -21.70 28.17
CA ILE A 235 3.95 -21.98 27.34
C ILE A 235 4.28 -20.70 26.57
N ARG A 236 3.29 -20.20 25.86
CA ARG A 236 3.44 -18.97 25.08
C ARG A 236 3.94 -17.80 25.93
N ASP A 237 3.36 -17.60 27.10
CA ASP A 237 3.74 -16.45 27.92
C ASP A 237 5.12 -16.57 28.52
N LYS A 238 5.55 -17.80 28.79
CA LYS A 238 6.92 -18.02 29.20
C LYS A 238 7.84 -17.57 28.08
N LEU A 239 7.54 -18.00 26.85
CA LEU A 239 8.38 -17.66 25.68
C LEU A 239 8.37 -16.16 25.28
N LEU A 240 7.22 -15.52 25.46
CA LEU A 240 7.14 -14.08 25.29
C LEU A 240 7.95 -13.33 26.32
N GLN A 241 7.79 -13.69 27.60
CA GLN A 241 8.47 -12.94 28.68
C GLN A 241 9.97 -13.12 28.66
N LYS A 242 10.45 -14.28 28.23
CA LYS A 242 11.89 -14.45 27.97
C LYS A 242 12.35 -13.46 26.89
N LYS A 243 11.69 -13.46 25.73
CA LYS A 243 12.02 -12.51 24.66
C LYS A 243 11.94 -11.06 25.11
N TYR A 244 10.93 -10.74 25.93
CA TYR A 244 10.70 -9.40 26.49
C TYR A 244 11.78 -8.93 27.46
N GLU A 245 12.13 -9.78 28.41
CA GLU A 245 13.19 -9.50 29.39
C GLU A 245 14.59 -9.44 28.75
N GLU A 246 14.84 -10.31 27.76
CA GLU A 246 16.08 -10.25 26.98
C GLU A 246 16.16 -8.94 26.24
N HIS A 247 15.05 -8.50 25.64
CA HIS A 247 15.03 -7.26 24.87
C HIS A 247 15.22 -6.06 25.78
N LYS A 248 14.51 -6.05 26.90
CA LYS A 248 14.64 -5.00 27.92
C LYS A 248 16.11 -4.82 28.34
N VAL A 249 16.75 -5.93 28.70
CA VAL A 249 18.17 -5.94 29.15
C VAL A 249 19.18 -5.60 28.02
N THR A 250 18.80 -5.73 26.75
CA THR A 250 19.70 -5.38 25.65
C THR A 250 19.26 -4.10 24.91
N TYR A 251 18.26 -3.41 25.46
CA TYR A 251 17.68 -2.28 24.75
C TYR A 251 18.68 -1.16 24.64
N SER A 252 18.57 -0.41 23.56
CA SER A 252 19.30 0.82 23.34
C SER A 252 18.35 1.75 22.61
N ASP A 253 18.53 3.06 22.81
CA ASP A 253 17.69 4.08 22.17
C ASP A 253 18.17 4.45 20.76
N ASN A 254 19.31 3.90 20.32
CA ASN A 254 19.85 4.22 19.00
C ASN A 254 19.56 3.23 17.88
N VAL A 255 18.87 2.13 18.16
CA VAL A 255 18.85 1.03 17.21
C VAL A 255 17.47 0.71 16.63
N GLN A 256 16.49 0.38 17.49
CA GLN A 256 15.19 -0.22 17.03
C GLN A 256 15.36 -1.51 16.16
N ARG A 257 15.47 -2.67 16.80
CA ARG A 257 15.76 -3.91 16.10
C ARG A 257 14.58 -4.63 15.45
N ASP A 258 13.38 -4.34 15.91
CA ASP A 258 12.18 -5.11 15.55
C ASP A 258 10.93 -4.43 16.11
N LEU A 259 9.77 -5.03 15.86
CA LEU A 259 8.50 -4.54 16.41
C LEU A 259 8.50 -4.42 17.93
N LEU A 260 9.18 -5.32 18.63
CA LEU A 260 9.19 -5.29 20.09
C LEU A 260 9.94 -4.10 20.63
N ASP A 261 11.08 -3.78 20.02
CA ASP A 261 11.80 -2.55 20.36
C ASP A 261 10.90 -1.34 20.15
N ALA A 262 10.22 -1.29 19.02
CA ALA A 262 9.29 -0.21 18.71
C ALA A 262 8.27 -0.03 19.83
N LEU A 263 7.68 -1.14 20.27
CA LEU A 263 6.71 -1.06 21.36
C LEU A 263 7.35 -0.67 22.71
N LEU A 264 8.56 -1.14 22.98
CA LEU A 264 9.31 -0.70 24.15
C LEU A 264 9.59 0.80 24.11
N ARG A 265 10.06 1.30 22.96
CA ARG A 265 10.29 2.75 22.79
C ARG A 265 9.02 3.57 23.04
N ALA A 266 7.89 3.10 22.52
CA ALA A 266 6.62 3.79 22.69
C ALA A 266 6.24 3.75 24.14
N LYS A 267 6.44 2.60 24.77
CA LYS A 267 6.13 2.42 26.18
C LYS A 267 6.94 3.38 27.05
N ARG A 268 8.22 3.54 26.73
CA ARG A 268 9.07 4.46 27.46
C ARG A 268 8.60 5.89 27.33
N SER A 269 8.43 6.35 26.09
CA SER A 269 7.93 7.71 25.83
C SER A 269 6.59 7.98 26.53
N SER A 270 5.71 6.98 26.52
CA SER A 270 4.44 7.05 27.23
C SER A 270 4.64 7.28 28.72
N GLU A 271 5.55 6.53 29.34
CA GLU A 271 5.92 6.72 30.74
C GLU A 271 6.55 8.11 31.00
N ASN A 272 7.24 8.69 30.01
CA ASN A 272 7.80 10.05 30.14
C ASN A 272 6.81 11.15 29.85
N ASN A 273 5.52 10.86 29.98
CA ASN A 273 4.44 11.87 29.89
C ASN A 273 4.38 12.55 28.51
N ASN A 274 4.71 11.81 27.46
CA ASN A 274 4.38 12.26 26.12
C ASN A 274 2.86 12.42 26.16
N SER A 275 2.40 13.64 25.88
CA SER A 275 1.00 14.01 26.14
C SER A 275 0.01 13.53 25.05
N SER A 276 0.52 13.11 23.89
CA SER A 276 -0.29 12.50 22.81
C SER A 276 -0.63 11.00 23.05
N THR A 277 0.33 10.22 23.51
CA THR A 277 0.14 8.79 23.83
C THR A 277 -0.29 8.58 25.29
N ARG A 278 -1.42 9.20 25.66
CA ARG A 278 -1.91 9.19 27.03
C ARG A 278 -3.14 8.31 27.15
N ASP A 279 -4.14 8.53 26.28
CA ASP A 279 -5.34 7.67 26.19
C ASP A 279 -4.95 6.20 25.94
N VAL A 280 -3.92 5.99 25.11
CA VAL A 280 -3.48 4.64 24.73
C VAL A 280 -2.86 3.90 25.94
N GLY A 281 -2.96 2.58 25.89
CA GLY A 281 -2.41 1.72 26.91
C GLY A 281 -1.14 1.08 26.41
N LEU A 282 -0.03 1.36 27.10
CA LEU A 282 1.26 0.70 26.82
C LEU A 282 1.82 -0.04 28.07
N THR A 283 0.92 -0.70 28.79
CA THR A 283 1.27 -1.68 29.81
C THR A 283 2.13 -2.82 29.28
N GLU A 284 2.83 -3.49 30.19
CA GLU A 284 3.58 -4.70 29.85
C GLU A 284 2.68 -5.65 29.11
N ASP A 285 1.44 -5.80 29.58
CA ASP A 285 0.44 -6.64 28.90
C ASP A 285 0.12 -6.22 27.47
N HIS A 286 -0.01 -4.91 27.23
CA HIS A 286 -0.28 -4.40 25.87
C HIS A 286 0.85 -4.71 24.89
N VAL A 287 2.07 -4.54 25.35
CA VAL A 287 3.24 -4.81 24.51
C VAL A 287 3.33 -6.31 24.16
N LEU A 288 3.11 -7.15 25.16
CA LEU A 288 3.21 -8.58 24.99
C LEU A 288 2.12 -9.13 24.10
N MET A 289 0.90 -8.64 24.29
CA MET A 289 -0.26 -9.10 23.48
C MET A 289 -0.20 -8.64 22.04
N THR A 290 0.36 -7.47 21.80
CA THR A 290 0.52 -6.99 20.46
C THR A 290 1.57 -7.80 19.72
N VAL A 291 2.73 -8.02 20.31
CA VAL A 291 3.82 -8.68 19.58
C VAL A 291 3.48 -10.13 19.36
N GLY A 292 2.83 -10.71 20.39
CA GLY A 292 2.42 -12.10 20.38
C GLY A 292 1.36 -12.39 19.33
N GLU A 293 0.48 -11.41 19.17
CA GLU A 293 -0.57 -11.49 18.18
C GLU A 293 0.01 -11.46 16.76
N ILE A 294 0.88 -10.48 16.51
CA ILE A 294 1.48 -10.31 15.17
C ILE A 294 2.24 -11.58 14.83
N PHE A 295 2.90 -12.14 15.84
CA PHE A 295 3.61 -13.38 15.66
C PHE A 295 2.64 -14.51 15.29
N GLY A 296 1.66 -14.75 16.15
CA GLY A 296 0.64 -15.78 15.89
C GLY A 296 0.01 -15.66 14.52
N ALA A 297 -0.42 -14.43 14.22
CA ALA A 297 -1.05 -14.09 12.95
C ALA A 297 -0.15 -14.37 11.76
N GLY A 298 1.06 -13.86 11.81
CA GLY A 298 2.03 -14.08 10.74
C GLY A 298 2.36 -15.54 10.45
N VAL A 299 2.22 -16.40 11.46
CA VAL A 299 2.50 -17.83 11.29
C VAL A 299 1.29 -18.53 10.72
N GLU A 300 0.18 -18.47 11.45
CA GLU A 300 -0.98 -19.31 11.11
C GLU A 300 -1.69 -18.91 9.82
N THR A 301 -1.83 -17.61 9.57
CA THR A 301 -2.62 -17.15 8.43
C THR A 301 -1.88 -17.30 7.12
N THR A 302 -0.59 -16.92 7.11
CA THR A 302 0.25 -17.00 5.91
C THR A 302 0.58 -18.46 5.56
N THR A 303 0.85 -19.28 6.56
CA THR A 303 1.11 -20.70 6.35
C THR A 303 -0.12 -21.43 5.77
N THR A 304 -1.28 -21.21 6.38
CA THR A 304 -2.55 -21.75 5.87
C THR A 304 -2.83 -21.34 4.43
N THR A 305 -2.70 -20.06 4.13
CA THR A 305 -2.95 -19.58 2.77
C THR A 305 -1.93 -20.15 1.80
N LEU A 306 -0.68 -20.30 2.23
CA LEU A 306 0.32 -20.93 1.35
C LEU A 306 0.07 -22.41 1.15
N LYS A 307 -0.42 -23.09 2.18
CA LYS A 307 -0.75 -24.50 2.06
C LYS A 307 -1.92 -24.74 1.10
N TRP A 308 -2.96 -23.91 1.19
CA TRP A 308 -4.04 -23.95 0.19
C TRP A 308 -3.51 -23.71 -1.22
N SER A 309 -2.57 -22.76 -1.37
CA SER A 309 -1.98 -22.46 -2.68
C SER A 309 -1.39 -23.73 -3.23
N ILE A 310 -0.59 -24.41 -2.41
CA ILE A 310 0.13 -25.63 -2.82
C ILE A 310 -0.88 -26.69 -3.28
N ALA A 311 -1.94 -26.90 -2.47
CA ALA A 311 -3.00 -27.85 -2.80
C ALA A 311 -3.57 -27.54 -4.17
N TYR A 312 -4.11 -26.34 -4.37
CA TYR A 312 -4.72 -25.98 -5.64
C TYR A 312 -3.77 -26.02 -6.82
N LEU A 313 -2.49 -25.74 -6.58
CA LEU A 313 -1.48 -25.86 -7.62
C LEU A 313 -1.24 -27.33 -7.98
N VAL A 314 -1.29 -28.23 -6.99
CA VAL A 314 -1.19 -29.66 -7.26
C VAL A 314 -2.41 -30.16 -8.07
N HIS A 315 -3.61 -29.70 -7.72
CA HIS A 315 -4.84 -30.00 -8.48
C HIS A 315 -4.91 -29.33 -9.85
N ASN A 316 -4.08 -28.32 -10.09
CA ASN A 316 -4.12 -27.60 -11.34
C ASN A 316 -2.71 -27.35 -11.88
N PRO A 317 -2.01 -28.43 -12.35
CA PRO A 317 -0.58 -28.27 -12.78
C PRO A 317 -0.36 -27.43 -14.06
N GLN A 318 -1.39 -27.27 -14.89
CA GLN A 318 -1.37 -26.30 -15.99
C GLN A 318 -1.28 -24.86 -15.50
N VAL A 319 -1.83 -24.58 -14.31
CA VAL A 319 -1.66 -23.27 -13.66
C VAL A 319 -0.18 -23.10 -13.29
N GLN A 320 0.36 -24.10 -12.59
CA GLN A 320 1.79 -24.13 -12.32
C GLN A 320 2.61 -23.85 -13.56
N ARG A 321 2.26 -24.49 -14.68
CA ARG A 321 3.06 -24.36 -15.88
C ARG A 321 2.98 -22.92 -16.42
N LYS A 322 1.80 -22.29 -16.33
CA LYS A 322 1.55 -20.91 -16.81
C LYS A 322 2.24 -19.85 -15.96
N ILE A 323 2.34 -20.10 -14.67
CA ILE A 323 3.15 -19.29 -13.76
C ILE A 323 4.65 -19.42 -14.12
N GLN A 324 5.09 -20.65 -14.38
CA GLN A 324 6.50 -20.95 -14.61
C GLN A 324 6.99 -20.30 -15.89
N GLU A 325 6.17 -20.31 -16.93
CA GLU A 325 6.52 -19.68 -18.21
C GLU A 325 6.47 -18.14 -18.12
N GLU A 326 5.59 -17.62 -17.26
CA GLU A 326 5.60 -16.20 -16.91
C GLU A 326 6.90 -15.81 -16.17
N LEU A 327 7.33 -16.66 -15.24
CA LEU A 327 8.56 -16.42 -14.50
C LEU A 327 9.78 -16.41 -15.41
N ASP A 328 9.83 -17.37 -16.32
CA ASP A 328 10.92 -17.43 -17.30
C ASP A 328 11.00 -16.20 -18.20
N SER A 329 9.86 -15.70 -18.66
CA SER A 329 9.84 -14.63 -19.63
C SER A 329 9.78 -13.23 -19.01
N LYS A 330 9.66 -13.12 -17.68
CA LYS A 330 9.69 -11.79 -17.01
C LYS A 330 10.65 -11.60 -15.81
N ILE A 331 11.31 -12.69 -15.41
CA ILE A 331 12.39 -12.68 -14.43
C ILE A 331 13.64 -13.30 -15.00
N GLY A 332 13.48 -14.44 -15.67
CA GLY A 332 14.60 -15.12 -16.30
C GLY A 332 15.05 -16.21 -15.35
N LYS A 333 16.33 -16.51 -15.45
CA LYS A 333 16.93 -17.69 -14.81
C LYS A 333 18.25 -17.42 -14.05
N GLU A 334 18.88 -16.24 -14.28
CA GLU A 334 20.14 -15.86 -13.62
C GLU A 334 19.98 -15.20 -12.24
N ARG A 335 18.79 -14.65 -11.98
CA ARG A 335 18.46 -13.98 -10.72
C ARG A 335 17.15 -14.56 -10.19
N HIS A 336 16.89 -14.36 -8.90
CA HIS A 336 15.68 -14.88 -8.24
C HIS A 336 14.62 -13.78 -8.15
N PRO A 337 13.34 -14.13 -7.86
CA PRO A 337 12.29 -13.09 -7.78
C PRO A 337 12.54 -12.07 -6.70
N GLN A 338 12.26 -10.81 -7.06
CA GLN A 338 12.38 -9.67 -6.19
C GLN A 338 11.03 -9.06 -6.06
N LEU A 339 10.83 -8.38 -4.94
CA LEU A 339 9.55 -7.73 -4.68
C LEU A 339 9.24 -6.69 -5.78
N SER A 340 10.28 -6.06 -6.35
CA SER A 340 10.11 -5.07 -7.39
C SER A 340 9.40 -5.61 -8.65
N ASP A 341 9.29 -6.94 -8.75
CA ASP A 341 8.45 -7.56 -9.77
C ASP A 341 6.93 -7.56 -9.43
N ARG A 342 6.48 -6.64 -8.56
CA ARG A 342 5.10 -6.63 -8.06
C ARG A 342 4.08 -6.46 -9.18
N GLY A 343 4.29 -5.48 -10.06
CA GLY A 343 3.34 -5.24 -11.15
C GLY A 343 3.49 -6.14 -12.37
N ASN A 344 4.56 -6.92 -12.44
CA ASN A 344 4.97 -7.54 -13.68
C ASN A 344 4.61 -9.03 -13.82
N LEU A 345 3.97 -9.63 -12.81
CA LEU A 345 3.58 -11.06 -12.89
C LEU A 345 2.05 -11.25 -12.68
N PRO A 346 1.24 -10.81 -13.65
CA PRO A 346 -0.19 -10.80 -13.40
C PRO A 346 -0.79 -12.16 -13.13
N TYR A 347 -0.32 -13.19 -13.84
CA TYR A 347 -0.89 -14.52 -13.69
C TYR A 347 -0.72 -15.10 -12.30
N LEU A 348 0.50 -15.02 -11.77
CA LEU A 348 0.79 -15.40 -10.39
C LEU A 348 -0.03 -14.63 -9.33
N GLU A 349 -0.15 -13.31 -9.49
CA GLU A 349 -0.94 -12.50 -8.57
C GLU A 349 -2.42 -12.84 -8.66
N ALA A 350 -2.91 -13.12 -9.87
CA ALA A 350 -4.30 -13.52 -10.08
C ALA A 350 -4.56 -14.91 -9.49
N THR A 351 -3.55 -15.76 -9.54
CA THR A 351 -3.64 -17.07 -8.90
C THR A 351 -3.78 -16.88 -7.40
N ILE A 352 -2.97 -16.00 -6.82
CA ILE A 352 -3.01 -15.77 -5.38
C ILE A 352 -4.37 -15.21 -4.98
N CYS A 353 -4.91 -14.29 -5.76
CA CYS A 353 -6.29 -13.80 -5.54
C CYS A 353 -7.34 -14.93 -5.48
N GLU A 354 -7.25 -15.86 -6.42
CA GLU A 354 -8.19 -16.96 -6.51
C GLU A 354 -8.06 -17.94 -5.34
N VAL A 355 -6.82 -18.21 -4.90
CA VAL A 355 -6.56 -18.99 -3.67
C VAL A 355 -7.24 -18.32 -2.46
N MET A 356 -6.99 -17.04 -2.25
CA MET A 356 -7.66 -16.28 -1.17
C MET A 356 -9.20 -16.24 -1.30
N ARG A 357 -9.69 -16.33 -2.54
CA ARG A 357 -11.11 -16.30 -2.81
C ARG A 357 -11.77 -17.61 -2.50
N ILE A 358 -11.22 -18.70 -3.05
CA ILE A 358 -11.87 -20.02 -3.02
C ILE A 358 -11.85 -20.69 -1.64
N ARG A 359 -10.86 -20.33 -0.80
CA ARG A 359 -10.74 -20.83 0.59
C ARG A 359 -10.34 -19.65 1.48
N PRO A 360 -11.32 -18.82 1.85
CA PRO A 360 -11.04 -17.74 2.75
C PRO A 360 -10.27 -18.19 3.96
N VAL A 361 -9.34 -17.36 4.43
CA VAL A 361 -8.57 -17.70 5.60
C VAL A 361 -9.50 -17.77 6.83
N SER A 362 -10.47 -16.86 6.93
CA SER A 362 -11.46 -16.87 8.01
C SER A 362 -12.84 -16.88 7.35
N PRO A 363 -13.41 -18.07 7.11
CA PRO A 363 -14.69 -18.17 6.44
C PRO A 363 -15.79 -17.44 7.13
N LEU A 364 -15.60 -17.16 8.42
CA LEU A 364 -16.64 -16.57 9.24
C LEU A 364 -16.32 -15.28 9.98
N LEU A 365 -15.07 -14.86 10.07
CA LEU A 365 -14.73 -13.53 10.60
C LEU A 365 -15.12 -13.30 12.04
N ILE A 366 -14.34 -12.46 12.69
CA ILE A 366 -14.57 -12.16 14.09
C ILE A 366 -15.77 -11.24 14.12
N PRO A 367 -16.61 -11.35 15.16
CA PRO A 367 -17.80 -10.51 15.11
C PRO A 367 -17.51 -9.00 15.11
N HIS A 368 -18.28 -8.26 14.33
CA HIS A 368 -18.22 -6.83 14.30
C HIS A 368 -19.40 -6.42 15.12
N VAL A 369 -19.16 -6.09 16.37
CA VAL A 369 -20.22 -5.73 17.31
C VAL A 369 -20.69 -4.30 17.08
N ALA A 370 -22.01 -4.13 17.13
CA ALA A 370 -22.64 -2.82 16.97
C ALA A 370 -22.44 -2.00 18.24
N LEU A 371 -21.78 -0.84 18.10
CA LEU A 371 -21.49 0.04 19.24
C LEU A 371 -22.68 0.94 19.62
N GLN A 372 -23.66 1.01 18.75
CA GLN A 372 -24.90 1.74 19.00
C GLN A 372 -25.95 1.12 18.10
N ASP A 373 -27.21 1.41 18.37
CA ASP A 373 -28.27 0.98 17.45
C ASP A 373 -27.97 1.56 16.07
N SER A 374 -28.16 0.72 15.06
CA SER A 374 -28.04 1.17 13.68
C SER A 374 -28.95 0.33 12.79
N SER A 375 -28.58 0.21 11.50
CA SER A 375 -29.37 -0.49 10.48
C SER A 375 -28.46 -1.11 9.41
N VAL A 376 -28.89 -2.21 8.81
CA VAL A 376 -28.15 -2.85 7.74
C VAL A 376 -29.10 -3.11 6.58
N GLY A 377 -29.05 -2.24 5.58
CA GLY A 377 -29.88 -2.35 4.40
C GLY A 377 -31.32 -2.62 4.75
N GLU A 378 -32.01 -1.60 5.26
CA GLU A 378 -33.46 -1.62 5.58
C GLU A 378 -33.82 -2.26 6.93
N TYR A 379 -33.11 -3.31 7.32
CA TYR A 379 -33.30 -3.94 8.62
C TYR A 379 -32.64 -3.13 9.76
N THR A 380 -33.24 -3.15 10.94
CA THR A 380 -32.68 -2.51 12.14
C THR A 380 -31.68 -3.46 12.80
N VAL A 381 -30.74 -2.87 13.52
CA VAL A 381 -29.73 -3.62 14.22
C VAL A 381 -29.56 -3.06 15.63
N GLN A 382 -29.52 -3.99 16.59
CA GLN A 382 -29.56 -3.65 17.99
C GLN A 382 -28.13 -3.45 18.53
N LYS A 383 -27.89 -2.37 19.27
CA LYS A 383 -26.61 -2.15 19.99
C LYS A 383 -26.28 -3.40 20.75
N GLY A 384 -25.08 -3.90 20.52
CA GLY A 384 -24.61 -5.09 21.21
C GLY A 384 -24.58 -6.29 20.32
N THR A 385 -25.45 -6.35 19.32
CA THR A 385 -25.53 -7.53 18.44
C THR A 385 -24.24 -7.78 17.65
N ARG A 386 -23.90 -9.04 17.48
CA ARG A 386 -22.60 -9.45 17.01
C ARG A 386 -22.70 -9.82 15.55
N VAL A 387 -22.22 -8.92 14.69
CA VAL A 387 -22.39 -9.08 13.25
C VAL A 387 -21.25 -9.91 12.72
N VAL A 388 -21.61 -11.07 12.19
CA VAL A 388 -20.66 -12.05 11.69
C VAL A 388 -20.76 -12.06 10.17
N ILE A 389 -19.70 -11.62 9.49
CA ILE A 389 -19.70 -11.61 8.02
C ILE A 389 -19.31 -13.01 7.53
N ASN A 390 -20.15 -13.62 6.71
CA ASN A 390 -19.86 -14.94 6.18
C ASN A 390 -19.05 -14.78 4.91
N MET A 391 -17.73 -14.83 5.08
CA MET A 391 -16.81 -14.58 3.99
C MET A 391 -16.94 -15.68 2.94
N TRP A 392 -17.26 -16.89 3.38
CA TRP A 392 -17.50 -17.96 2.43
C TRP A 392 -18.64 -17.62 1.44
N SER A 393 -19.76 -17.14 1.96
CA SER A 393 -20.91 -16.92 1.09
C SER A 393 -20.68 -15.71 0.21
N LEU A 394 -20.02 -14.67 0.72
CA LEU A 394 -19.51 -13.59 -0.16
C LEU A 394 -18.67 -14.11 -1.33
N HIS A 395 -17.76 -15.05 -1.08
CA HIS A 395 -16.84 -15.52 -2.12
C HIS A 395 -17.32 -16.75 -2.86
N HIS A 396 -18.48 -17.28 -2.52
CA HIS A 396 -19.08 -18.38 -3.30
C HIS A 396 -20.50 -18.15 -3.78
N ASP A 397 -20.99 -16.91 -3.71
CA ASP A 397 -22.32 -16.52 -4.17
C ASP A 397 -22.44 -16.71 -5.69
N GLU A 398 -23.20 -17.71 -6.14
CA GLU A 398 -23.47 -17.90 -7.56
C GLU A 398 -24.04 -16.64 -8.25
N LYS A 399 -24.72 -15.76 -7.52
CA LYS A 399 -25.16 -14.46 -8.06
C LYS A 399 -24.00 -13.58 -8.54
N GLU A 400 -22.83 -13.71 -7.89
CA GLU A 400 -21.65 -12.89 -8.15
C GLU A 400 -20.43 -13.64 -8.68
N TRP A 401 -20.40 -14.97 -8.58
CA TRP A 401 -19.29 -15.76 -9.10
C TRP A 401 -19.78 -16.92 -9.94
N LYS A 402 -19.06 -17.22 -11.02
CA LYS A 402 -19.45 -18.25 -11.95
C LYS A 402 -18.73 -19.52 -11.54
N ASN A 403 -19.45 -20.61 -11.32
CA ASN A 403 -18.84 -21.89 -10.87
C ASN A 403 -17.90 -21.70 -9.69
N PRO A 404 -18.44 -21.29 -8.54
CA PRO A 404 -17.61 -20.84 -7.41
C PRO A 404 -16.59 -21.85 -6.93
N GLU A 405 -16.89 -23.15 -7.01
CA GLU A 405 -15.92 -24.22 -6.66
C GLU A 405 -14.84 -24.50 -7.74
N LEU A 406 -14.94 -23.86 -8.89
CA LEU A 406 -13.97 -24.01 -9.98
C LEU A 406 -12.81 -23.08 -9.65
N PHE A 407 -11.61 -23.64 -9.49
CA PHE A 407 -10.41 -22.83 -9.34
C PHE A 407 -9.98 -22.28 -10.71
N ASP A 408 -10.15 -20.97 -10.92
CA ASP A 408 -9.70 -20.27 -12.13
C ASP A 408 -9.10 -18.88 -11.84
N PRO A 409 -7.76 -18.72 -11.96
CA PRO A 409 -7.13 -17.41 -11.80
C PRO A 409 -7.53 -16.37 -12.83
N GLY A 410 -8.09 -16.77 -13.96
CA GLY A 410 -8.53 -15.82 -15.00
C GLY A 410 -9.70 -14.94 -14.67
N ARG A 411 -10.37 -15.23 -13.55
CA ARG A 411 -11.35 -14.33 -12.95
C ARG A 411 -10.74 -12.97 -12.72
N PHE A 412 -9.51 -12.96 -12.22
CA PHE A 412 -8.85 -11.72 -11.80
C PHE A 412 -7.99 -11.06 -12.87
N LEU A 413 -7.80 -11.72 -14.01
CA LEU A 413 -7.11 -11.12 -15.16
C LEU A 413 -8.07 -10.25 -15.97
N ASN A 414 -7.51 -9.29 -16.69
CA ASN A 414 -8.27 -8.49 -17.68
C ASN A 414 -8.41 -9.27 -19.00
N GLU A 415 -8.98 -8.63 -20.04
CA GLU A 415 -9.18 -9.30 -21.33
C GLU A 415 -7.85 -9.83 -21.86
N GLU A 416 -6.90 -8.92 -22.04
CA GLU A 416 -5.62 -9.27 -22.68
C GLU A 416 -4.64 -10.02 -21.76
N GLY A 417 -5.01 -10.30 -20.49
CA GLY A 417 -4.09 -10.96 -19.53
C GLY A 417 -2.89 -10.11 -19.11
N ASP A 418 -2.92 -8.83 -19.48
CA ASP A 418 -1.83 -7.88 -19.34
C ASP A 418 -1.76 -7.49 -17.87
N GLY A 419 -2.89 -7.53 -17.16
CA GLY A 419 -2.99 -7.04 -15.79
C GLY A 419 -4.26 -7.48 -15.09
N LEU A 420 -4.48 -6.96 -13.88
CA LEU A 420 -5.53 -7.47 -13.00
C LEU A 420 -6.81 -6.70 -13.20
N CYS A 421 -7.89 -7.19 -12.59
CA CYS A 421 -9.22 -6.69 -12.86
C CYS A 421 -10.25 -7.26 -11.87
N CYS A 422 -11.07 -6.41 -11.26
CA CYS A 422 -11.97 -6.82 -10.20
C CYS A 422 -13.20 -7.50 -10.80
N PRO A 423 -13.40 -8.80 -10.53
CA PRO A 423 -14.55 -9.54 -11.09
C PRO A 423 -15.88 -9.31 -10.34
N SER A 424 -15.80 -8.93 -9.07
CA SER A 424 -16.97 -8.67 -8.25
C SER A 424 -16.62 -7.74 -7.09
N GLY A 425 -17.55 -6.86 -6.73
CA GLY A 425 -17.43 -6.04 -5.52
C GLY A 425 -17.61 -6.85 -4.24
N SER A 426 -18.05 -8.10 -4.38
CA SER A 426 -18.07 -9.10 -3.33
C SER A 426 -16.70 -9.65 -2.91
N TYR A 427 -15.62 -9.26 -3.59
CA TYR A 427 -14.28 -9.77 -3.25
C TYR A 427 -13.66 -8.95 -2.14
N LEU A 428 -13.57 -9.50 -0.94
CA LEU A 428 -12.96 -8.83 0.21
C LEU A 428 -12.04 -9.79 0.97
N PRO A 429 -10.90 -10.20 0.33
CA PRO A 429 -10.01 -11.20 0.92
C PRO A 429 -9.36 -10.79 2.25
N PHE A 430 -8.97 -9.50 2.36
CA PHE A 430 -8.40 -8.90 3.58
C PHE A 430 -9.41 -8.04 4.34
N GLY A 431 -10.66 -8.05 3.92
CA GLY A 431 -11.68 -7.26 4.60
C GLY A 431 -11.67 -5.90 4.02
N ALA A 432 -12.25 -4.97 4.76
CA ALA A 432 -12.34 -3.58 4.30
C ALA A 432 -12.69 -2.65 5.43
N GLY A 433 -12.43 -1.37 5.17
CA GLY A 433 -12.72 -0.35 6.15
C GLY A 433 -11.79 -0.27 7.35
N VAL A 434 -12.39 -0.08 8.50
CA VAL A 434 -11.69 0.39 9.69
C VAL A 434 -10.94 -0.74 10.36
N ARG A 435 -11.55 -1.93 10.43
CA ARG A 435 -10.92 -3.12 11.01
C ARG A 435 -10.27 -4.00 9.95
N VAL A 436 -9.82 -3.38 8.86
CA VAL A 436 -9.24 -4.14 7.76
C VAL A 436 -7.99 -4.84 8.25
N CYS A 437 -7.53 -5.85 7.52
CA CYS A 437 -6.36 -6.63 7.91
C CYS A 437 -5.13 -5.76 8.18
N LEU A 438 -4.46 -6.04 9.28
CA LEU A 438 -3.30 -5.27 9.68
C LEU A 438 -2.04 -5.66 8.91
N GLY A 439 -1.91 -6.95 8.61
CA GLY A 439 -0.77 -7.50 7.93
C GLY A 439 -0.97 -7.75 6.45
N GLU A 440 -1.95 -7.08 5.84
CA GLU A 440 -2.21 -7.23 4.41
C GLU A 440 -0.97 -7.04 3.56
N ALA A 441 -0.26 -5.93 3.76
CA ALA A 441 0.97 -5.70 3.02
C ALA A 441 1.94 -6.84 3.24
N LEU A 442 2.04 -7.30 4.48
CA LEU A 442 3.02 -8.34 4.79
C LEU A 442 2.61 -9.63 4.11
N ALA A 443 1.34 -9.98 4.16
CA ALA A 443 0.82 -11.20 3.52
C ALA A 443 1.03 -11.21 2.03
N LYS A 444 0.87 -10.07 1.38
CA LYS A 444 1.08 -9.97 -0.05
C LYS A 444 2.54 -10.16 -0.43
N MET A 445 3.45 -9.61 0.36
CA MET A 445 4.88 -9.85 0.14
C MET A 445 5.24 -11.32 0.31
N GLU A 446 4.69 -11.94 1.34
CA GLU A 446 5.04 -13.30 1.68
C GLU A 446 4.56 -14.23 0.58
N LEU A 447 3.26 -14.17 0.27
CA LEU A 447 2.64 -15.02 -0.75
C LEU A 447 3.28 -14.85 -2.10
N PHE A 448 3.50 -13.60 -2.51
CA PHE A 448 4.14 -13.31 -3.79
C PHE A 448 5.52 -13.94 -3.91
N LEU A 449 6.39 -13.63 -2.95
CA LEU A 449 7.77 -14.06 -3.00
C LEU A 449 7.92 -15.56 -2.85
N PHE A 450 7.30 -16.15 -1.85
CA PHE A 450 7.46 -17.59 -1.66
C PHE A 450 6.94 -18.41 -2.82
N LEU A 451 5.75 -18.10 -3.32
CA LEU A 451 5.23 -18.85 -4.48
C LEU A 451 6.11 -18.66 -5.71
N ALA A 452 6.56 -17.44 -5.98
CA ALA A 452 7.47 -17.18 -7.10
C ALA A 452 8.83 -17.91 -7.01
N TRP A 453 9.50 -17.77 -5.87
CA TRP A 453 10.79 -18.43 -5.60
C TRP A 453 10.71 -19.93 -5.82
N ILE A 454 9.70 -20.56 -5.20
CA ILE A 454 9.40 -21.98 -5.34
C ILE A 454 9.14 -22.36 -6.81
N LEU A 455 8.12 -21.77 -7.43
CA LEU A 455 7.74 -22.17 -8.78
C LEU A 455 8.75 -21.80 -9.87
N GLN A 456 9.71 -20.91 -9.61
CA GLN A 456 10.79 -20.62 -10.57
C GLN A 456 11.74 -21.79 -10.72
N ARG A 457 11.91 -22.59 -9.66
CA ARG A 457 12.84 -23.72 -9.69
C ARG A 457 12.20 -25.12 -9.53
N PHE A 458 10.91 -25.17 -9.20
CA PHE A 458 10.27 -26.44 -8.92
C PHE A 458 8.90 -26.53 -9.56
N THR A 459 8.43 -27.77 -9.62
CA THR A 459 7.07 -28.10 -9.98
C THR A 459 6.54 -29.04 -8.86
N LEU A 460 5.32 -28.78 -8.39
CA LEU A 460 4.73 -29.49 -7.24
C LEU A 460 3.92 -30.70 -7.68
N GLU A 461 4.56 -31.86 -7.57
CA GLU A 461 3.94 -33.15 -7.80
C GLU A 461 3.87 -33.84 -6.46
N MET A 462 3.13 -34.93 -6.41
CA MET A 462 3.03 -35.74 -5.20
C MET A 462 3.67 -37.11 -5.41
N PRO A 463 3.97 -37.84 -4.32
CA PRO A 463 4.51 -39.19 -4.47
C PRO A 463 3.57 -40.10 -5.30
N THR A 464 4.00 -40.50 -6.52
CA THR A 464 3.10 -41.06 -7.57
C THR A 464 2.11 -42.15 -7.09
N GLY A 465 2.46 -42.85 -6.01
CA GLY A 465 1.54 -43.72 -5.29
C GLY A 465 0.73 -42.99 -4.23
N GLN A 466 0.08 -41.89 -4.64
CA GLN A 466 -0.84 -41.12 -3.78
C GLN A 466 -1.98 -40.57 -4.65
N PRO A 467 -3.05 -40.08 -4.00
CA PRO A 467 -4.10 -39.36 -4.72
C PRO A 467 -4.05 -37.85 -4.46
N LEU A 468 -4.80 -37.08 -5.26
CA LEU A 468 -4.90 -35.62 -5.10
C LEU A 468 -5.53 -35.25 -3.75
N PRO A 469 -5.02 -34.19 -3.08
CA PRO A 469 -5.31 -33.95 -1.67
C PRO A 469 -6.76 -33.53 -1.39
N ASP A 470 -7.22 -33.80 -0.15
CA ASP A 470 -8.53 -33.40 0.39
C ASP A 470 -8.62 -31.89 0.45
N LEU A 471 -9.68 -31.32 -0.10
CA LEU A 471 -9.87 -29.87 -0.10
C LEU A 471 -10.94 -29.41 0.88
N GLN A 472 -11.42 -30.30 1.76
CA GLN A 472 -12.53 -29.92 2.64
C GLN A 472 -12.03 -29.02 3.77
N GLY A 473 -11.03 -29.47 4.51
CA GLY A 473 -10.37 -28.60 5.49
C GLY A 473 -11.07 -28.38 6.82
N LYS A 474 -10.30 -27.91 7.80
CA LYS A 474 -10.71 -27.90 9.20
C LYS A 474 -11.09 -26.48 9.62
N PHE A 475 -12.36 -26.32 10.02
CA PHE A 475 -12.88 -25.03 10.42
C PHE A 475 -12.45 -24.66 11.83
N GLY A 476 -11.91 -23.45 11.97
CA GLY A 476 -11.69 -22.81 13.26
C GLY A 476 -11.66 -21.32 13.03
N VAL A 477 -10.81 -20.59 13.76
CA VAL A 477 -10.53 -19.17 13.43
C VAL A 477 -9.86 -18.98 12.06
N VAL A 478 -9.17 -20.02 11.60
CA VAL A 478 -8.55 -20.03 10.29
C VAL A 478 -8.73 -21.39 9.58
N LEU A 479 -9.61 -21.43 8.58
CA LEU A 479 -9.90 -22.65 7.83
C LEU A 479 -8.62 -23.21 7.29
N GLN A 480 -8.12 -24.28 7.91
CA GLN A 480 -6.85 -24.84 7.45
C GLN A 480 -7.07 -26.17 6.76
N PRO A 481 -6.30 -26.45 5.70
CA PRO A 481 -6.44 -27.72 5.04
C PRO A 481 -5.79 -28.82 5.86
N LYS A 482 -6.12 -30.05 5.49
CA LYS A 482 -5.64 -31.25 6.19
C LYS A 482 -4.29 -31.60 5.59
N LYS A 483 -3.35 -32.05 6.42
CA LYS A 483 -1.98 -32.27 5.96
C LYS A 483 -1.93 -33.30 4.84
N PHE A 484 -0.99 -33.13 3.91
CA PHE A 484 -1.02 -33.87 2.64
C PHE A 484 0.32 -34.32 2.03
N LYS A 485 1.44 -34.02 2.67
CA LYS A 485 2.77 -34.50 2.22
C LYS A 485 2.99 -34.35 0.70
N VAL A 486 3.41 -33.15 0.35
CA VAL A 486 3.83 -32.81 -1.02
C VAL A 486 5.35 -32.99 -1.20
N VAL A 487 5.76 -33.18 -2.45
CA VAL A 487 7.18 -33.42 -2.81
C VAL A 487 7.54 -32.80 -4.17
N ALA A 488 8.15 -31.62 -4.10
CA ALA A 488 8.38 -30.83 -5.31
C ALA A 488 9.60 -31.26 -6.07
N LYS A 489 9.40 -31.47 -7.36
CA LYS A 489 10.45 -31.89 -8.24
C LYS A 489 11.19 -30.65 -8.78
N VAL A 490 12.47 -30.81 -9.13
CA VAL A 490 13.28 -29.73 -9.76
C VAL A 490 12.78 -29.56 -11.19
N ARG A 491 13.24 -28.53 -11.91
CA ARG A 491 12.89 -28.37 -13.33
C ARG A 491 14.04 -27.74 -14.15
N ARG B 23 24.07 -4.68 -32.92
CA ARG B 23 22.57 -4.61 -32.81
C ARG B 23 22.12 -3.44 -31.90
N SER B 24 22.71 -2.26 -32.14
CA SER B 24 22.32 -1.01 -31.47
C SER B 24 21.04 -0.44 -32.05
N PRO B 25 20.24 0.24 -31.20
CA PRO B 25 19.00 0.78 -31.69
C PRO B 25 19.21 1.93 -32.64
N PRO B 26 18.22 2.22 -33.48
CA PRO B 26 18.35 3.34 -34.39
C PRO B 26 18.74 4.59 -33.64
N SER B 27 19.60 5.40 -34.25
CA SER B 27 20.06 6.63 -33.64
C SER B 27 19.74 7.78 -34.55
N LEU B 28 19.65 8.97 -33.97
CA LEU B 28 19.58 10.19 -34.79
C LEU B 28 20.98 10.49 -35.32
N PRO B 29 21.09 11.37 -36.31
CA PRO B 29 22.42 11.76 -36.76
C PRO B 29 23.19 12.40 -35.64
N SER B 30 24.48 12.09 -35.55
CA SER B 30 25.35 12.63 -34.50
C SER B 30 26.54 13.39 -35.10
N LEU B 31 26.84 14.54 -34.55
CA LEU B 31 28.12 15.19 -34.79
C LEU B 31 29.02 15.03 -33.55
N PRO B 32 30.32 15.35 -33.68
CA PRO B 32 31.28 15.00 -32.63
C PRO B 32 31.16 15.62 -31.22
N ILE B 33 30.89 16.93 -31.12
CA ILE B 33 30.87 17.61 -29.80
C ILE B 33 29.46 17.97 -29.41
N ILE B 34 28.84 18.73 -30.30
CA ILE B 34 27.39 18.93 -30.39
C ILE B 34 26.51 17.64 -30.22
N GLY B 35 26.73 16.60 -31.03
CA GLY B 35 25.83 15.44 -31.04
C GLY B 35 24.67 15.61 -32.03
N SER B 36 23.45 15.38 -31.55
CA SER B 36 22.27 15.37 -32.41
C SER B 36 21.43 16.65 -32.28
N LEU B 37 21.96 17.66 -31.60
CA LEU B 37 21.17 18.84 -31.26
C LEU B 37 20.63 19.55 -32.48
N MET B 38 21.38 19.51 -33.59
CA MET B 38 20.90 20.14 -34.82
C MET B 38 19.66 19.43 -35.38
N SER B 39 19.48 18.16 -35.02
CA SER B 39 18.33 17.38 -35.46
C SER B 39 17.09 17.57 -34.59
N LEU B 40 17.21 18.19 -33.41
CA LEU B 40 16.09 18.27 -32.46
C LEU B 40 15.71 19.72 -32.04
N VAL B 41 15.52 20.56 -33.04
CA VAL B 41 14.88 21.88 -32.86
C VAL B 41 13.48 21.72 -33.39
N SER B 42 12.49 22.00 -32.53
CA SER B 42 11.08 21.87 -32.89
C SER B 42 10.26 22.91 -32.17
N ASP B 43 8.98 23.00 -32.52
CA ASP B 43 8.00 23.78 -31.73
C ASP B 43 7.17 22.94 -30.74
N SER B 44 7.22 21.62 -30.92
CA SER B 44 6.48 20.71 -30.06
C SER B 44 7.14 20.62 -28.69
N PRO B 45 6.36 20.28 -27.64
CA PRO B 45 7.02 20.00 -26.36
C PRO B 45 7.83 18.72 -26.48
N PRO B 46 8.93 18.60 -25.71
CA PRO B 46 9.87 17.44 -25.88
C PRO B 46 9.24 16.00 -25.98
N HIS B 47 8.15 15.76 -25.24
CA HIS B 47 7.47 14.44 -25.20
C HIS B 47 6.69 14.09 -26.46
N ILE B 48 5.96 15.05 -27.01
CA ILE B 48 5.22 14.81 -28.26
C ILE B 48 6.19 14.80 -29.44
N PHE B 49 7.26 15.60 -29.33
CA PHE B 49 8.33 15.56 -30.33
C PHE B 49 8.94 14.17 -30.37
N PHE B 50 9.26 13.62 -29.19
CA PHE B 50 9.86 12.29 -29.12
C PHE B 50 8.85 11.21 -29.48
N GLN B 51 7.57 11.55 -29.43
CA GLN B 51 6.53 10.64 -29.88
C GLN B 51 6.55 10.60 -31.39
N ASP B 52 6.45 11.79 -32.00
CA ASP B 52 6.37 11.90 -33.46
C ASP B 52 7.61 11.30 -34.13
N LEU B 53 8.77 11.41 -33.48
CA LEU B 53 10.00 10.77 -33.97
C LEU B 53 9.90 9.25 -34.17
N GLN B 54 8.88 8.61 -33.60
CA GLN B 54 8.65 7.18 -33.84
C GLN B 54 8.28 6.89 -35.31
N LYS B 55 7.71 7.89 -35.99
CA LYS B 55 7.33 7.75 -37.39
C LYS B 55 8.56 7.45 -38.25
N LYS B 56 9.73 7.89 -37.81
CA LYS B 56 10.98 7.68 -38.54
C LYS B 56 11.88 6.60 -37.89
N TYR B 57 12.07 6.66 -36.56
CA TYR B 57 13.08 5.81 -35.85
C TYR B 57 12.50 4.63 -35.04
N GLY B 58 11.18 4.45 -35.09
CA GLY B 58 10.56 3.33 -34.38
C GLY B 58 10.34 3.67 -32.93
N ASP B 59 9.86 2.68 -32.18
CA ASP B 59 9.44 2.86 -30.78
C ASP B 59 10.60 3.02 -29.78
N LEU B 60 11.81 2.67 -30.20
CA LEU B 60 12.98 2.72 -29.32
C LEU B 60 14.17 3.20 -30.11
N TYR B 61 14.74 4.33 -29.71
CA TYR B 61 15.84 4.91 -30.47
C TYR B 61 16.71 5.81 -29.60
N SER B 62 17.94 6.06 -30.03
CA SER B 62 18.92 6.84 -29.27
C SER B 62 19.23 8.18 -29.92
N LEU B 63 19.81 9.07 -29.14
CA LEU B 63 20.37 10.32 -29.66
C LEU B 63 21.46 10.78 -28.74
N MET B 64 22.13 11.84 -29.13
CA MET B 64 23.31 12.31 -28.43
C MET B 64 23.15 13.79 -28.05
N MET B 65 22.91 14.07 -26.78
CA MET B 65 22.91 15.45 -26.30
C MET B 65 24.30 15.83 -25.80
N GLY B 66 25.07 16.47 -26.68
CA GLY B 66 26.46 16.74 -26.41
C GLY B 66 27.15 15.41 -26.25
N SER B 67 27.93 15.26 -25.20
CA SER B 67 28.65 14.01 -24.97
C SER B 67 27.72 12.85 -24.59
N HIS B 68 26.57 13.13 -23.98
CA HIS B 68 25.75 12.08 -23.34
C HIS B 68 24.77 11.40 -24.27
N LYS B 69 24.78 10.05 -24.27
CA LYS B 69 23.84 9.24 -25.07
C LYS B 69 22.47 9.06 -24.37
N LEU B 70 21.41 9.40 -25.08
CA LEU B 70 20.06 9.29 -24.58
C LEU B 70 19.40 8.13 -25.28
N LEU B 71 18.65 7.31 -24.53
CA LEU B 71 17.78 6.30 -25.13
C LEU B 71 16.36 6.66 -24.84
N ILE B 72 15.56 6.82 -25.88
CA ILE B 72 14.17 7.21 -25.70
C ILE B 72 13.28 5.96 -25.86
N VAL B 73 12.43 5.72 -24.86
CA VAL B 73 11.63 4.52 -24.77
C VAL B 73 10.15 4.84 -24.87
N ASN B 74 9.53 4.40 -25.96
CA ASN B 74 8.11 4.70 -26.20
C ASN B 74 7.19 3.50 -26.07
N ASN B 75 7.75 2.29 -26.00
CA ASN B 75 6.96 1.05 -25.82
C ASN B 75 6.98 0.53 -24.37
N HIS B 76 5.81 0.15 -23.88
CA HIS B 76 5.69 -0.26 -22.48
C HIS B 76 6.34 -1.60 -22.17
N HIS B 77 6.56 -2.43 -23.19
CA HIS B 77 7.29 -3.68 -22.97
C HIS B 77 8.73 -3.36 -22.64
N HIS B 78 9.32 -2.47 -23.45
CA HIS B 78 10.65 -1.95 -23.18
C HIS B 78 10.73 -1.24 -21.83
N ALA B 79 9.73 -0.40 -21.53
CA ALA B 79 9.72 0.35 -20.26
C ALA B 79 9.69 -0.54 -19.02
N LYS B 80 8.87 -1.58 -19.05
CA LYS B 80 8.81 -2.48 -17.91
C LYS B 80 10.10 -3.29 -17.80
N GLU B 81 10.80 -3.48 -18.93
CA GLU B 81 12.11 -4.14 -18.91
C GLU B 81 13.16 -3.24 -18.25
N ILE B 82 13.09 -1.95 -18.55
CA ILE B 82 13.98 -0.97 -17.92
C ILE B 82 13.73 -0.85 -16.42
N LEU B 83 12.47 -0.62 -16.05
CA LEU B 83 12.09 -0.31 -14.68
C LEU B 83 11.93 -1.51 -13.74
N ILE B 84 11.56 -2.66 -14.28
CA ILE B 84 11.22 -3.83 -13.47
C ILE B 84 12.16 -5.01 -13.65
N LYS B 85 12.29 -5.48 -14.88
CA LYS B 85 13.04 -6.71 -15.12
C LYS B 85 14.49 -6.47 -14.75
N LYS B 86 15.01 -5.34 -15.22
CA LYS B 86 16.41 -4.96 -15.04
C LYS B 86 16.51 -3.66 -14.23
N GLY B 87 15.67 -3.56 -13.22
CA GLY B 87 15.48 -2.32 -12.51
C GLY B 87 16.77 -1.78 -11.95
N LYS B 88 17.35 -2.53 -11.01
CA LYS B 88 18.67 -2.22 -10.46
C LYS B 88 19.57 -2.71 -11.55
N ILE B 89 20.14 -1.74 -12.28
CA ILE B 89 20.95 -1.88 -13.52
C ILE B 89 20.68 -0.57 -14.24
N PHE B 90 19.39 -0.28 -14.47
CA PHE B 90 18.92 1.04 -14.90
C PHE B 90 18.44 1.90 -13.71
N ALA B 91 19.14 1.82 -12.58
CA ALA B 91 18.73 2.53 -11.37
C ALA B 91 19.65 3.72 -11.11
N GLY B 92 20.58 4.00 -12.04
CA GLY B 92 21.46 5.14 -11.94
C GLY B 92 20.75 6.43 -12.31
N ARG B 93 21.10 7.53 -11.64
CA ARG B 93 20.64 8.86 -11.99
C ARG B 93 21.78 9.65 -12.59
N PRO B 94 21.50 10.53 -13.57
CA PRO B 94 22.55 11.35 -14.11
C PRO B 94 22.78 12.53 -13.22
N ARG B 95 23.99 13.07 -13.31
CA ARG B 95 24.39 14.28 -12.63
C ARG B 95 24.27 15.40 -13.63
N THR B 96 23.87 16.57 -13.16
CA THR B 96 23.47 17.72 -14.01
C THR B 96 23.65 19.00 -13.20
N VAL B 97 24.17 20.08 -13.79
CA VAL B 97 24.44 21.30 -12.99
C VAL B 97 23.20 21.83 -12.24
N THR B 98 22.05 21.87 -12.90
CA THR B 98 20.81 22.29 -12.26
C THR B 98 20.40 21.37 -11.07
N THR B 99 20.46 20.06 -11.30
CA THR B 99 20.06 19.11 -10.29
C THR B 99 21.15 18.93 -9.24
N ASP B 100 22.38 19.25 -9.58
CA ASP B 100 23.46 19.27 -8.60
C ASP B 100 23.25 20.39 -7.61
N LEU B 101 22.81 21.56 -8.10
CA LEU B 101 22.51 22.69 -7.22
C LEU B 101 21.24 22.45 -6.42
N LEU B 102 20.21 21.95 -7.09
CA LEU B 102 18.94 21.71 -6.43
C LEU B 102 19.11 20.80 -5.26
N THR B 103 19.97 19.79 -5.39
CA THR B 103 20.02 18.65 -4.51
C THR B 103 21.36 18.47 -3.81
N ARG B 104 22.14 19.53 -3.69
CA ARG B 104 23.52 19.46 -3.16
C ARG B 104 24.31 18.25 -3.67
N ASP B 105 24.45 18.21 -4.99
CA ASP B 105 25.19 17.18 -5.72
C ASP B 105 24.59 15.84 -5.46
N GLY B 106 23.31 15.71 -5.74
CA GLY B 106 22.59 14.42 -5.66
C GLY B 106 22.40 13.77 -4.29
N LYS B 107 22.18 14.56 -3.26
CA LYS B 107 22.02 14.05 -1.89
C LYS B 107 20.56 13.94 -1.47
N ASP B 108 19.69 13.74 -2.46
CA ASP B 108 18.25 13.63 -2.24
C ASP B 108 17.85 12.17 -2.55
N ILE B 109 16.71 11.91 -3.20
CA ILE B 109 16.24 10.55 -3.43
C ILE B 109 16.09 10.31 -4.94
N ALA B 110 15.21 11.07 -5.60
CA ALA B 110 15.32 11.23 -7.07
C ALA B 110 16.62 11.94 -7.26
N PHE B 111 17.18 11.86 -8.44
CA PHE B 111 18.56 12.42 -8.64
C PHE B 111 19.68 11.88 -7.75
N ALA B 112 19.40 10.94 -6.86
CA ALA B 112 20.41 10.28 -6.07
C ALA B 112 20.71 8.98 -6.73
N ASP B 113 22.00 8.69 -6.87
CA ASP B 113 22.45 7.43 -7.49
C ASP B 113 22.08 6.25 -6.59
N TYR B 114 21.77 5.13 -7.22
CA TYR B 114 21.38 3.88 -6.55
C TYR B 114 22.43 3.53 -5.50
N SER B 115 22.06 3.59 -4.24
CA SER B 115 22.99 3.44 -3.12
C SER B 115 22.18 3.01 -1.94
N SER B 116 22.81 2.39 -0.95
CA SER B 116 22.14 2.09 0.32
C SER B 116 21.65 3.34 1.06
N THR B 117 22.27 4.49 0.72
CA THR B 117 21.84 5.79 1.21
C THR B 117 20.48 6.20 0.65
N TRP B 118 20.34 6.04 -0.67
CA TRP B 118 19.05 6.23 -1.34
C TRP B 118 17.99 5.27 -0.79
N LYS B 119 18.35 4.00 -0.59
CA LYS B 119 17.38 3.03 -0.09
C LYS B 119 16.95 3.35 1.34
N PHE B 120 17.90 3.82 2.14
CA PHE B 120 17.64 4.10 3.55
C PHE B 120 16.73 5.30 3.72
N HIS B 121 17.04 6.36 2.98
CA HIS B 121 16.21 7.55 3.03
C HIS B 121 14.80 7.25 2.54
N ARG B 122 14.65 6.52 1.43
CA ARG B 122 13.32 6.04 1.02
C ARG B 122 12.54 5.34 2.15
N LYS B 123 13.22 4.47 2.89
CA LYS B 123 12.62 3.76 4.00
C LYS B 123 12.19 4.73 5.11
N MET B 124 13.00 5.75 5.37
CA MET B 124 12.71 6.70 6.44
C MET B 124 11.49 7.56 6.17
N VAL B 125 11.39 8.01 4.92
CA VAL B 125 10.22 8.72 4.41
C VAL B 125 9.00 7.81 4.49
N HIS B 126 9.14 6.58 4.04
CA HIS B 126 8.05 5.62 4.11
C HIS B 126 7.59 5.47 5.57
N GLY B 127 8.53 5.27 6.49
CA GLY B 127 8.19 5.02 7.90
C GLY B 127 7.62 6.22 8.63
N ALA B 128 8.23 7.38 8.45
CA ALA B 128 7.68 8.64 8.95
C ALA B 128 6.21 8.90 8.50
N LEU B 129 5.87 8.54 7.26
CA LEU B 129 4.47 8.63 6.76
C LEU B 129 3.56 7.65 7.48
N CYS B 130 4.00 6.39 7.59
CA CYS B 130 3.27 5.34 8.35
C CYS B 130 3.06 5.78 9.82
N MET B 131 4.02 6.55 10.35
CA MET B 131 4.11 6.86 11.77
C MET B 131 3.66 8.27 12.16
N PHE B 132 3.31 9.10 11.19
CA PHE B 132 2.99 10.47 11.51
C PHE B 132 1.78 10.60 12.46
N GLY B 133 1.87 11.53 13.40
CA GLY B 133 0.84 11.80 14.40
C GLY B 133 1.09 10.84 15.54
N GLU B 134 1.41 11.35 16.72
CA GLU B 134 1.89 10.43 17.76
C GLU B 134 0.72 9.54 18.34
N GLY B 135 -0.33 10.17 18.88
CA GLY B 135 -1.36 9.42 19.59
C GLY B 135 -2.61 9.34 18.76
N SER B 136 -2.66 8.32 17.89
CA SER B 136 -3.85 7.97 17.01
C SER B 136 -4.06 8.84 15.74
N VAL B 137 -3.59 10.10 15.81
CA VAL B 137 -3.71 11.14 14.77
C VAL B 137 -2.88 10.67 13.56
N SER B 138 -3.33 10.94 12.35
CA SER B 138 -2.56 10.55 11.18
C SER B 138 -2.77 11.59 10.12
N ILE B 139 -2.02 11.45 9.05
CA ILE B 139 -2.22 12.28 7.88
C ILE B 139 -3.66 12.22 7.34
N GLU B 140 -4.42 11.15 7.59
CA GLU B 140 -5.84 11.19 7.29
C GLU B 140 -6.44 12.41 8.01
N LYS B 141 -6.22 12.51 9.32
CA LYS B 141 -6.69 13.71 10.07
C LYS B 141 -6.28 15.04 9.44
N ILE B 142 -4.99 15.20 9.11
CA ILE B 142 -4.44 16.42 8.54
C ILE B 142 -5.09 16.73 7.18
N ILE B 143 -5.11 15.76 6.27
CA ILE B 143 -5.80 15.91 4.97
C ILE B 143 -7.26 16.34 5.18
N CYS B 144 -7.97 15.67 6.10
CA CYS B 144 -9.38 16.04 6.35
C CYS B 144 -9.53 17.44 6.96
N ARG B 145 -8.64 17.80 7.88
CA ARG B 145 -8.63 19.15 8.41
C ARG B 145 -8.50 20.20 7.33
N GLU B 146 -7.56 19.98 6.42
CA GLU B 146 -7.26 20.95 5.38
C GLU B 146 -8.33 20.99 4.29
N ALA B 147 -8.91 19.84 3.96
CA ALA B 147 -10.07 19.80 3.05
C ALA B 147 -11.26 20.52 3.67
N SER B 148 -11.45 20.32 4.98
CA SER B 148 -12.52 20.97 5.74
C SER B 148 -12.35 22.48 5.72
N SER B 149 -11.20 22.96 6.17
CA SER B 149 -10.90 24.39 6.19
C SER B 149 -11.11 25.05 4.82
N MET B 150 -10.80 24.33 3.76
CA MET B 150 -10.95 24.86 2.41
C MET B 150 -12.41 24.92 2.01
N CYS B 151 -13.10 23.79 2.17
CA CYS B 151 -14.54 23.72 1.85
C CYS B 151 -15.38 24.76 2.61
N GLU B 152 -15.03 25.02 3.88
CA GLU B 152 -15.70 26.07 4.68
C GLU B 152 -15.40 27.52 4.20
N VAL B 153 -14.26 27.72 3.55
CA VAL B 153 -13.96 29.00 2.87
C VAL B 153 -14.68 29.10 1.52
N LEU B 154 -14.90 27.97 0.85
CA LEU B 154 -15.71 27.93 -0.38
C LEU B 154 -17.22 28.13 -0.19
N THR B 155 -17.78 27.62 0.90
CA THR B 155 -19.18 27.92 1.23
C THR B 155 -19.28 29.40 1.59
N GLU B 156 -18.48 29.83 2.58
CA GLU B 156 -18.40 31.26 3.05
C GLU B 156 -18.06 32.28 1.97
N SER B 157 -17.71 31.83 0.76
CA SER B 157 -17.43 32.70 -0.35
C SER B 157 -18.04 32.09 -1.62
N GLN B 158 -19.32 31.72 -1.56
CA GLN B 158 -20.06 31.31 -2.77
C GLN B 158 -20.56 32.60 -3.46
N ASN B 159 -21.03 33.56 -2.66
CA ASN B 159 -21.29 34.95 -3.11
C ASN B 159 -20.06 35.64 -3.77
N SER B 160 -19.05 36.00 -2.96
CA SER B 160 -17.73 36.47 -3.43
C SER B 160 -16.95 35.29 -4.02
N ALA B 161 -16.81 35.24 -5.36
CA ALA B 161 -16.33 34.03 -6.08
C ALA B 161 -15.24 33.22 -5.35
N VAL B 162 -14.08 33.84 -5.10
CA VAL B 162 -12.87 33.17 -4.53
C VAL B 162 -12.39 32.01 -5.41
N ASP B 163 -11.21 32.15 -5.99
CA ASP B 163 -10.64 31.13 -6.86
C ASP B 163 -9.90 30.07 -6.03
N LEU B 164 -10.43 28.85 -5.98
CA LEU B 164 -9.69 27.68 -5.50
C LEU B 164 -8.61 27.35 -6.51
N GLY B 165 -7.62 26.60 -6.07
CA GLY B 165 -6.37 26.51 -6.82
C GLY B 165 -5.30 27.02 -5.90
N PRO B 166 -5.28 28.33 -5.63
CA PRO B 166 -4.44 28.81 -4.52
C PRO B 166 -4.98 28.32 -3.17
N GLU B 167 -6.30 28.29 -3.02
CA GLU B 167 -6.93 27.80 -1.78
C GLU B 167 -6.74 26.28 -1.62
N LEU B 168 -6.62 25.61 -2.76
CA LEU B 168 -6.32 24.18 -2.82
C LEU B 168 -4.82 23.95 -2.62
N THR B 169 -3.99 24.78 -3.26
CA THR B 169 -2.53 24.67 -3.14
C THR B 169 -2.12 24.82 -1.69
N ARG B 170 -2.81 25.66 -0.95
CA ARG B 170 -2.47 25.85 0.44
C ARG B 170 -2.82 24.60 1.23
N ALA B 171 -3.95 23.98 0.89
CA ALA B 171 -4.39 22.75 1.57
C ALA B 171 -3.39 21.62 1.40
N VAL B 172 -2.94 21.43 0.17
CA VAL B 172 -1.96 20.41 -0.16
C VAL B 172 -0.61 20.72 0.51
N THR B 173 -0.19 21.97 0.42
CA THR B 173 1.09 22.39 0.98
C THR B 173 1.08 22.13 2.46
N ASN B 174 -0.06 22.37 3.10
CA ASN B 174 -0.23 22.13 4.55
C ASN B 174 -0.21 20.66 4.98
N VAL B 175 -0.68 19.77 4.11
CA VAL B 175 -0.62 18.34 4.38
C VAL B 175 0.84 17.93 4.46
N VAL B 176 1.64 18.33 3.47
CA VAL B 176 3.05 17.91 3.39
C VAL B 176 3.90 18.76 4.31
N CYS B 177 3.43 19.96 4.63
CA CYS B 177 4.10 20.82 5.61
C CYS B 177 4.01 20.19 7.02
N ALA B 178 2.82 19.71 7.37
CA ALA B 178 2.61 18.92 8.58
C ALA B 178 3.51 17.69 8.59
N LEU B 179 3.52 16.97 7.48
CA LEU B 179 4.33 15.76 7.37
C LEU B 179 5.80 16.05 7.68
N CYS B 180 6.38 17.05 7.02
CA CYS B 180 7.82 17.35 7.11
C CYS B 180 8.28 18.17 8.30
N PHE B 181 7.52 19.20 8.64
CA PHE B 181 7.95 20.15 9.66
C PHE B 181 6.93 20.38 10.78
N ASN B 182 5.83 19.62 10.78
CA ASN B 182 4.77 19.75 11.78
C ASN B 182 4.24 21.18 11.88
N SER B 183 4.08 21.85 10.76
CA SER B 183 3.55 23.21 10.76
C SER B 183 2.54 23.38 9.65
N SER B 184 1.94 24.57 9.62
CA SER B 184 1.00 24.88 8.56
C SER B 184 1.06 26.36 8.29
N TYR B 185 0.63 26.72 7.08
CA TYR B 185 0.62 28.08 6.64
C TYR B 185 -0.75 28.62 6.90
N LYS B 186 -0.81 29.74 7.63
CA LYS B 186 -2.05 30.45 7.88
C LYS B 186 -2.68 30.89 6.53
N ARG B 187 -4.01 31.03 6.50
CA ARG B 187 -4.67 31.55 5.29
C ARG B 187 -4.22 33.01 5.15
N GLY B 188 -3.80 33.39 3.94
CA GLY B 188 -3.26 34.72 3.69
C GLY B 188 -1.91 35.00 4.32
N ASP B 189 -1.10 33.97 4.56
CA ASP B 189 0.26 34.10 5.12
C ASP B 189 1.22 34.72 4.10
N ALA B 190 2.07 35.63 4.57
CA ALA B 190 3.03 36.32 3.71
C ALA B 190 4.06 35.34 3.16
N GLU B 191 4.74 34.66 4.08
CA GLU B 191 5.84 33.77 3.71
C GLU B 191 5.41 32.42 3.03
N PHE B 192 4.14 32.31 2.65
CA PHE B 192 3.67 31.18 1.85
C PHE B 192 3.77 31.48 0.37
N GLU B 193 3.36 32.68 -0.01
CA GLU B 193 3.33 33.09 -1.41
C GLU B 193 4.77 33.27 -1.87
N SER B 194 5.67 33.61 -0.94
CA SER B 194 7.10 33.61 -1.23
C SER B 194 7.63 32.21 -1.55
N MET B 195 7.12 31.21 -0.83
CA MET B 195 7.44 29.82 -1.14
C MET B 195 6.93 29.44 -2.54
N LEU B 196 5.69 29.76 -2.84
CA LEU B 196 5.11 29.46 -4.14
C LEU B 196 5.91 30.09 -5.26
N GLN B 197 6.38 31.32 -5.02
CA GLN B 197 7.14 32.08 -5.99
C GLN B 197 8.53 31.46 -6.26
N TYR B 198 9.33 31.22 -5.22
CA TYR B 198 10.64 30.58 -5.43
C TYR B 198 10.48 29.20 -6.05
N SER B 199 9.50 28.43 -5.60
CA SER B 199 9.24 27.09 -6.15
C SER B 199 9.00 27.14 -7.63
N GLN B 200 8.10 28.01 -8.07
CA GLN B 200 7.79 28.10 -9.51
C GLN B 200 9.02 28.52 -10.28
N GLY B 201 9.86 29.35 -9.67
CA GLY B 201 11.13 29.70 -10.26
C GLY B 201 12.04 28.50 -10.45
N ILE B 202 12.06 27.60 -9.48
CA ILE B 202 12.89 26.41 -9.57
C ILE B 202 12.33 25.50 -10.68
N VAL B 203 11.03 25.22 -10.64
CA VAL B 203 10.40 24.38 -11.67
C VAL B 203 10.64 24.90 -13.09
N ASP B 204 10.64 26.23 -13.24
CA ASP B 204 10.99 26.89 -14.52
C ASP B 204 12.40 26.56 -14.97
N THR B 205 13.35 26.50 -14.05
CA THR B 205 14.75 26.55 -14.43
C THR B 205 15.57 25.30 -14.19
N VAL B 206 14.98 24.22 -13.64
CA VAL B 206 15.81 23.06 -13.26
C VAL B 206 15.98 22.12 -14.43
N ALA B 207 15.26 20.99 -14.47
CA ALA B 207 15.72 19.90 -15.32
C ALA B 207 15.18 20.02 -16.75
N LYS B 208 14.82 21.22 -17.17
CA LYS B 208 14.71 21.57 -18.59
C LYS B 208 16.10 21.49 -19.22
N ASP B 209 16.26 20.73 -20.31
CA ASP B 209 17.57 20.57 -20.99
C ASP B 209 18.02 21.92 -21.58
N SER B 210 19.01 22.53 -20.94
CA SER B 210 19.51 23.83 -21.35
C SER B 210 20.98 23.67 -21.67
N LEU B 211 21.60 24.74 -22.14
CA LEU B 211 22.95 24.67 -22.63
C LEU B 211 23.95 24.32 -21.51
N VAL B 212 23.83 24.95 -20.35
CA VAL B 212 24.67 24.54 -19.21
C VAL B 212 24.49 23.07 -18.76
N ASP B 213 23.28 22.52 -18.88
CA ASP B 213 23.08 21.09 -18.52
C ASP B 213 23.70 20.16 -19.56
N ILE B 214 23.84 20.63 -20.82
CA ILE B 214 24.45 19.84 -21.88
C ILE B 214 25.95 20.10 -21.97
N PHE B 215 26.36 21.36 -21.87
CA PHE B 215 27.77 21.75 -21.86
C PHE B 215 28.05 22.44 -20.53
N PRO B 216 28.44 21.67 -19.49
CA PRO B 216 28.69 22.21 -18.14
C PRO B 216 29.70 23.32 -18.06
N TRP B 217 30.70 23.30 -18.95
CA TRP B 217 31.72 24.36 -19.02
C TRP B 217 31.17 25.74 -19.35
N LEU B 218 29.94 25.85 -19.84
CA LEU B 218 29.30 27.15 -20.03
C LEU B 218 29.04 27.96 -18.77
N GLN B 219 29.23 27.34 -17.61
CA GLN B 219 29.35 28.05 -16.32
C GLN B 219 30.46 29.15 -16.33
N ILE B 220 31.54 28.94 -17.09
CA ILE B 220 32.58 29.96 -17.31
C ILE B 220 31.99 31.30 -17.80
N PHE B 221 30.88 31.25 -18.55
CA PHE B 221 30.11 32.43 -18.94
C PHE B 221 28.96 32.72 -17.99
N PRO B 222 28.44 33.97 -18.01
CA PRO B 222 27.19 34.26 -17.27
C PRO B 222 25.98 33.54 -17.89
N ASN B 223 25.22 32.88 -17.04
CA ASN B 223 24.01 32.16 -17.44
C ASN B 223 22.90 32.77 -16.61
N LYS B 224 21.84 33.20 -17.29
CA LYS B 224 20.75 33.91 -16.64
C LYS B 224 19.99 32.95 -15.72
N ASP B 225 19.48 31.85 -16.29
CA ASP B 225 18.63 30.90 -15.53
C ASP B 225 19.37 30.18 -14.42
N LEU B 226 20.66 29.99 -14.57
CA LEU B 226 21.46 29.50 -13.47
C LEU B 226 21.46 30.51 -12.31
N ARG B 227 21.54 31.81 -12.64
CA ARG B 227 21.52 32.88 -11.62
C ARG B 227 20.20 32.92 -10.87
N ILE B 228 19.07 32.76 -11.56
CA ILE B 228 17.76 32.84 -10.88
C ILE B 228 17.51 31.54 -10.10
N LEU B 229 18.05 30.44 -10.59
CA LEU B 229 17.91 29.15 -9.93
C LEU B 229 18.62 29.20 -8.62
N ARG B 230 19.88 29.62 -8.68
CA ARG B 230 20.73 29.78 -7.51
C ARG B 230 20.07 30.71 -6.47
N GLN B 231 19.30 31.71 -6.93
CA GLN B 231 18.60 32.67 -6.06
C GLN B 231 17.44 32.02 -5.34
N CYS B 232 16.66 31.23 -6.08
CA CYS B 232 15.55 30.48 -5.48
C CYS B 232 15.99 29.43 -4.47
N ILE B 233 17.12 28.79 -4.75
CA ILE B 233 17.73 27.81 -3.87
C ILE B 233 18.18 28.50 -2.56
N SER B 234 18.71 29.70 -2.67
CA SER B 234 19.20 30.43 -1.50
C SER B 234 18.07 30.71 -0.53
N ILE B 235 16.93 31.11 -1.07
CA ILE B 235 15.72 31.30 -0.29
C ILE B 235 15.29 30.02 0.42
N ARG B 236 15.15 28.94 -0.37
CA ARG B 236 14.72 27.64 0.14
C ARG B 236 15.65 27.19 1.23
N ASP B 237 16.96 27.28 0.95
CA ASP B 237 17.99 26.88 1.90
C ASP B 237 17.91 27.65 3.20
N LYS B 238 17.47 28.91 3.13
CA LYS B 238 17.22 29.73 4.31
C LYS B 238 16.08 29.18 5.11
N LEU B 239 14.97 28.88 4.45
CA LEU B 239 13.78 28.37 5.17
C LEU B 239 14.00 26.97 5.73
N LEU B 240 14.77 26.15 5.03
CA LEU B 240 15.13 24.82 5.51
C LEU B 240 16.03 24.86 6.72
N GLN B 241 17.09 25.67 6.67
CA GLN B 241 18.00 25.79 7.81
C GLN B 241 17.27 26.33 9.03
N LYS B 242 16.32 27.25 8.84
CA LYS B 242 15.49 27.77 9.93
C LYS B 242 14.67 26.63 10.58
N LYS B 243 13.98 25.82 9.78
CA LYS B 243 13.23 24.66 10.30
C LYS B 243 14.15 23.61 10.93
N TYR B 244 15.35 23.46 10.37
CA TYR B 244 16.32 22.50 10.86
C TYR B 244 16.82 22.89 12.26
N GLU B 245 17.33 24.09 12.44
CA GLU B 245 17.88 24.48 13.75
C GLU B 245 16.77 24.56 14.82
N GLU B 246 15.59 25.09 14.49
CA GLU B 246 14.45 25.05 15.44
C GLU B 246 14.15 23.63 15.90
N HIS B 247 13.99 22.73 14.95
CA HIS B 247 13.74 21.34 15.27
C HIS B 247 14.84 20.77 16.17
N LYS B 248 16.09 21.09 15.91
CA LYS B 248 17.18 20.58 16.77
C LYS B 248 17.08 21.06 18.23
N VAL B 249 16.68 22.31 18.47
CA VAL B 249 16.65 22.81 19.84
C VAL B 249 15.49 22.16 20.59
N THR B 250 14.34 22.04 19.91
CA THR B 250 13.14 21.49 20.51
C THR B 250 13.05 19.95 20.45
N TYR B 251 14.14 19.27 20.06
CA TYR B 251 14.11 17.82 19.82
C TYR B 251 14.00 17.05 21.12
N SER B 252 13.26 15.94 21.06
CA SER B 252 13.05 15.03 22.17
C SER B 252 12.97 13.60 21.62
N ASP B 253 13.48 12.63 22.39
CA ASP B 253 13.36 11.20 22.04
C ASP B 253 11.95 10.64 22.35
N ASN B 254 11.14 11.35 23.13
CA ASN B 254 9.76 10.96 23.48
C ASN B 254 8.71 11.16 22.37
N VAL B 255 9.07 11.92 21.33
CA VAL B 255 8.17 12.24 20.24
C VAL B 255 8.91 12.32 18.92
N GLN B 256 8.23 11.87 17.87
CA GLN B 256 8.67 12.04 16.51
C GLN B 256 7.56 12.88 15.96
N ARG B 257 7.78 14.19 15.96
CA ARG B 257 6.76 15.11 15.46
C ARG B 257 6.48 14.95 13.96
N ASP B 258 7.55 14.82 13.17
CA ASP B 258 7.49 14.89 11.72
C ASP B 258 8.66 14.14 11.07
N LEU B 259 8.68 14.10 9.74
CA LEU B 259 9.80 13.51 8.98
C LEU B 259 11.18 14.05 9.38
N LEU B 260 11.26 15.34 9.63
CA LEU B 260 12.51 15.94 10.07
C LEU B 260 12.98 15.38 11.40
N ASP B 261 12.07 15.07 12.33
CA ASP B 261 12.48 14.47 13.61
C ASP B 261 13.05 13.08 13.40
N ALA B 262 12.44 12.34 12.48
CA ALA B 262 12.87 10.96 12.18
C ALA B 262 14.26 10.92 11.53
N LEU B 263 14.55 11.95 10.74
CA LEU B 263 15.85 12.11 10.12
C LEU B 263 16.89 12.55 11.12
N LEU B 264 16.49 13.39 12.07
CA LEU B 264 17.41 13.82 13.14
C LEU B 264 17.77 12.69 14.08
N ARG B 265 16.77 11.87 14.43
CA ARG B 265 16.98 10.63 15.23
C ARG B 265 17.95 9.68 14.55
N ALA B 266 17.82 9.59 13.23
CA ALA B 266 18.62 8.70 12.44
C ALA B 266 20.06 9.20 12.39
N LYS B 267 20.20 10.50 12.16
CA LYS B 267 21.50 11.15 12.18
C LYS B 267 22.15 10.98 13.55
N ARG B 268 21.42 11.21 14.65
CA ARG B 268 21.95 10.94 15.99
C ARG B 268 22.49 9.51 16.11
N SER B 269 21.72 8.51 15.69
CA SER B 269 22.17 7.11 15.76
C SER B 269 23.41 6.87 14.93
N SER B 270 23.46 7.47 13.76
CA SER B 270 24.66 7.46 12.95
C SER B 270 25.89 7.95 13.74
N GLU B 271 25.72 8.97 14.58
CA GLU B 271 26.83 9.54 15.37
C GLU B 271 27.06 8.80 16.71
N ASN B 272 26.20 7.82 17.01
CA ASN B 272 26.42 6.89 18.11
C ASN B 272 26.96 5.53 17.64
N ASN B 273 27.21 5.42 16.34
CA ASN B 273 27.97 4.30 15.81
C ASN B 273 27.22 2.97 16.00
N ASN B 274 26.01 2.87 15.46
CA ASN B 274 25.31 1.58 15.39
C ASN B 274 25.70 0.84 14.11
N SER B 275 25.75 -0.49 14.16
CA SER B 275 26.08 -1.29 12.97
C SER B 275 25.15 -0.95 11.77
N SER B 276 23.89 -0.56 12.03
CA SER B 276 22.91 -0.22 10.97
C SER B 276 23.36 0.89 9.99
N THR B 277 23.42 2.11 10.50
CA THR B 277 23.49 3.31 9.68
C THR B 277 24.93 3.83 9.57
N ARG B 278 25.89 2.92 9.35
CA ARG B 278 27.34 3.25 9.39
C ARG B 278 27.88 3.62 8.01
N ASP B 279 27.40 2.92 6.99
CA ASP B 279 27.69 3.22 5.60
C ASP B 279 26.57 4.02 4.89
N VAL B 280 25.70 4.68 5.64
CA VAL B 280 24.52 5.35 5.08
C VAL B 280 24.67 6.81 5.34
N GLY B 281 24.69 7.60 4.28
CA GLY B 281 24.82 9.05 4.36
C GLY B 281 23.75 9.81 5.16
N LEU B 282 24.13 10.31 6.33
CA LEU B 282 23.24 11.07 7.17
C LEU B 282 23.89 12.35 7.64
N THR B 283 24.61 13.02 6.75
CA THR B 283 25.17 14.34 7.06
C THR B 283 24.03 15.38 7.12
N GLU B 284 24.37 16.59 7.52
CA GLU B 284 23.37 17.67 7.54
C GLU B 284 22.78 17.87 6.14
N ASP B 285 23.64 17.87 5.14
CA ASP B 285 23.17 17.98 3.77
C ASP B 285 22.05 16.97 3.47
N HIS B 286 22.31 15.71 3.80
CA HIS B 286 21.40 14.66 3.44
C HIS B 286 20.03 14.91 4.08
N VAL B 287 20.05 15.28 5.34
CA VAL B 287 18.81 15.48 6.08
C VAL B 287 17.98 16.56 5.41
N LEU B 288 18.62 17.68 5.11
CA LEU B 288 17.96 18.84 4.51
C LEU B 288 17.40 18.56 3.12
N MET B 289 18.20 17.90 2.28
CA MET B 289 17.77 17.60 0.90
C MET B 289 16.62 16.64 0.84
N THR B 290 16.65 15.62 1.70
CA THR B 290 15.56 14.66 1.78
C THR B 290 14.26 15.33 2.18
N VAL B 291 14.29 16.10 3.25
CA VAL B 291 13.08 16.78 3.71
C VAL B 291 12.62 17.80 2.68
N GLY B 292 13.59 18.54 2.13
CA GLY B 292 13.30 19.58 1.13
C GLY B 292 12.66 18.94 -0.06
N GLU B 293 13.19 17.78 -0.42
CA GLU B 293 12.70 17.08 -1.59
C GLU B 293 11.25 16.67 -1.38
N ILE B 294 10.97 15.97 -0.28
CA ILE B 294 9.62 15.51 0.01
C ILE B 294 8.66 16.69 0.02
N PHE B 295 9.14 17.82 0.50
CA PHE B 295 8.32 19.02 0.53
C PHE B 295 7.95 19.46 -0.88
N GLY B 296 8.97 19.71 -1.71
CA GLY B 296 8.75 20.15 -3.09
C GLY B 296 7.91 19.19 -3.93
N ALA B 297 8.19 17.90 -3.79
CA ALA B 297 7.39 16.86 -4.39
C ALA B 297 5.96 17.00 -3.95
N GLY B 298 5.72 16.91 -2.64
CA GLY B 298 4.36 16.98 -2.11
C GLY B 298 3.49 18.16 -2.54
N VAL B 299 4.12 19.27 -2.90
CA VAL B 299 3.44 20.48 -3.36
C VAL B 299 3.21 20.42 -4.87
N GLU B 300 4.29 20.32 -5.64
CA GLU B 300 4.20 20.46 -7.10
C GLU B 300 3.52 19.31 -7.81
N THR B 301 3.61 18.10 -7.28
CA THR B 301 3.00 16.94 -7.94
C THR B 301 1.51 16.82 -7.64
N THR B 302 1.15 16.97 -6.39
CA THR B 302 -0.22 16.76 -5.98
C THR B 302 -1.09 17.93 -6.40
N THR B 303 -0.58 19.15 -6.25
CA THR B 303 -1.27 20.34 -6.75
C THR B 303 -1.48 20.27 -8.28
N THR B 304 -0.43 19.95 -9.03
CA THR B 304 -0.58 19.83 -10.48
C THR B 304 -1.70 18.85 -10.87
N THR B 305 -1.64 17.64 -10.31
CA THR B 305 -2.63 16.58 -10.53
C THR B 305 -4.04 17.02 -10.12
N LEU B 306 -4.18 17.66 -8.96
CA LEU B 306 -5.50 18.16 -8.57
C LEU B 306 -5.99 19.21 -9.55
N LYS B 307 -5.11 20.09 -10.05
CA LYS B 307 -5.51 21.12 -11.00
C LYS B 307 -6.01 20.51 -12.31
N TRP B 308 -5.27 19.55 -12.85
CA TRP B 308 -5.79 18.81 -13.97
C TRP B 308 -7.16 18.19 -13.64
N SER B 309 -7.31 17.62 -12.44
CA SER B 309 -8.60 17.06 -12.02
C SER B 309 -9.71 18.09 -12.16
N ILE B 310 -9.45 19.24 -11.54
CA ILE B 310 -10.37 20.39 -11.55
C ILE B 310 -10.72 20.72 -12.99
N ALA B 311 -9.71 20.72 -13.88
CA ALA B 311 -9.91 21.11 -15.28
C ALA B 311 -10.80 20.12 -16.01
N TYR B 312 -10.39 18.86 -16.04
CA TYR B 312 -11.21 17.82 -16.64
C TYR B 312 -12.60 17.60 -16.02
N LEU B 313 -12.79 18.04 -14.77
CA LEU B 313 -14.12 18.05 -14.15
C LEU B 313 -15.00 19.20 -14.65
N VAL B 314 -14.41 20.37 -14.81
CA VAL B 314 -15.10 21.52 -15.41
C VAL B 314 -15.50 21.19 -16.84
N HIS B 315 -14.58 20.55 -17.55
CA HIS B 315 -14.81 20.13 -18.93
C HIS B 315 -15.85 19.02 -19.07
N ASN B 316 -15.95 18.12 -18.10
CA ASN B 316 -16.80 16.93 -18.23
C ASN B 316 -17.77 16.87 -17.05
N PRO B 317 -18.76 17.78 -16.97
CA PRO B 317 -19.68 17.83 -15.80
C PRO B 317 -20.55 16.59 -15.57
N GLN B 318 -20.71 15.74 -16.57
CA GLN B 318 -21.33 14.44 -16.35
C GLN B 318 -20.50 13.50 -15.47
N VAL B 319 -19.17 13.66 -15.51
CA VAL B 319 -18.25 13.01 -14.54
C VAL B 319 -18.42 13.54 -13.10
N GLN B 320 -18.51 14.87 -12.95
CA GLN B 320 -18.87 15.48 -11.67
C GLN B 320 -20.13 14.85 -11.07
N ARG B 321 -21.19 14.76 -11.88
CA ARG B 321 -22.48 14.32 -11.40
C ARG B 321 -22.45 12.85 -11.00
N LYS B 322 -21.81 12.01 -11.82
CA LYS B 322 -21.75 10.56 -11.54
C LYS B 322 -20.91 10.29 -10.28
N ILE B 323 -19.84 11.06 -10.06
CA ILE B 323 -19.07 11.01 -8.80
C ILE B 323 -19.99 11.35 -7.63
N GLN B 324 -20.69 12.48 -7.73
CA GLN B 324 -21.56 13.03 -6.66
C GLN B 324 -22.69 12.05 -6.29
N GLU B 325 -23.29 11.44 -7.31
CA GLU B 325 -24.32 10.43 -7.13
C GLU B 325 -23.80 9.18 -6.38
N GLU B 326 -22.53 8.87 -6.62
CA GLU B 326 -21.84 7.80 -5.93
C GLU B 326 -21.59 8.20 -4.49
N LEU B 327 -21.09 9.42 -4.27
CA LEU B 327 -20.86 9.92 -2.90
C LEU B 327 -22.15 10.00 -2.07
N ASP B 328 -23.25 10.40 -2.71
CA ASP B 328 -24.58 10.37 -2.07
C ASP B 328 -24.95 8.94 -1.65
N SER B 329 -24.67 7.96 -2.52
CA SER B 329 -24.99 6.55 -2.26
C SER B 329 -24.16 5.87 -1.16
N LYS B 330 -22.88 6.17 -1.10
CA LYS B 330 -21.95 5.41 -0.26
C LYS B 330 -21.40 6.15 0.95
N ILE B 331 -21.56 7.47 0.95
CA ILE B 331 -21.15 8.30 2.07
C ILE B 331 -22.23 9.31 2.43
N GLY B 332 -22.87 9.92 1.43
CA GLY B 332 -23.36 11.30 1.48
C GLY B 332 -24.28 11.60 2.63
N LYS B 333 -24.38 12.89 2.99
CA LYS B 333 -25.20 13.37 4.12
C LYS B 333 -24.75 12.83 5.47
N GLU B 334 -24.74 13.71 6.48
CA GLU B 334 -24.35 13.34 7.87
C GLU B 334 -22.85 13.05 8.13
N ARG B 335 -22.08 12.73 7.11
CA ARG B 335 -20.72 12.24 7.29
C ARG B 335 -19.86 12.73 6.15
N HIS B 336 -18.59 13.06 6.43
CA HIS B 336 -17.66 13.41 5.36
C HIS B 336 -16.83 12.19 4.90
N PRO B 337 -16.24 12.26 3.69
CA PRO B 337 -15.52 11.08 3.21
C PRO B 337 -14.29 10.80 4.01
N GLN B 338 -14.10 9.52 4.32
CA GLN B 338 -12.97 9.07 5.10
C GLN B 338 -12.13 8.11 4.26
N LEU B 339 -10.91 7.85 4.71
CA LEU B 339 -10.02 6.96 3.98
C LEU B 339 -10.51 5.52 4.03
N SER B 340 -11.29 5.14 5.04
CA SER B 340 -11.92 3.81 5.05
C SER B 340 -12.87 3.61 3.86
N ASP B 341 -13.44 4.70 3.32
CA ASP B 341 -14.24 4.62 2.10
C ASP B 341 -13.46 4.29 0.83
N ARG B 342 -12.14 4.06 0.91
CA ARG B 342 -11.29 4.02 -0.28
C ARG B 342 -11.72 2.90 -1.24
N GLY B 343 -11.96 1.71 -0.71
CA GLY B 343 -12.38 0.61 -1.59
C GLY B 343 -13.72 0.80 -2.32
N ASN B 344 -14.54 1.73 -1.84
CA ASN B 344 -15.98 1.74 -2.10
C ASN B 344 -16.42 2.80 -3.09
N LEU B 345 -15.53 3.62 -3.64
CA LEU B 345 -15.95 4.71 -4.54
C LEU B 345 -15.31 4.57 -5.92
N PRO B 346 -15.66 3.46 -6.63
CA PRO B 346 -14.89 3.09 -7.82
C PRO B 346 -14.89 4.09 -8.98
N TYR B 347 -15.99 4.80 -9.17
CA TYR B 347 -16.02 5.85 -10.19
C TYR B 347 -15.04 7.02 -9.88
N LEU B 348 -15.03 7.46 -8.62
CA LEU B 348 -14.08 8.48 -8.19
C LEU B 348 -12.65 7.95 -8.36
N GLU B 349 -12.41 6.72 -7.95
CA GLU B 349 -11.08 6.13 -8.14
C GLU B 349 -10.69 6.12 -9.62
N ALA B 350 -11.62 5.75 -10.47
CA ALA B 350 -11.34 5.61 -11.90
C ALA B 350 -11.09 6.94 -12.56
N THR B 351 -11.85 7.95 -12.16
CA THR B 351 -11.61 9.32 -12.62
C THR B 351 -10.17 9.76 -12.29
N ILE B 352 -9.68 9.46 -11.09
CA ILE B 352 -8.32 9.84 -10.68
C ILE B 352 -7.29 9.08 -11.54
N CYS B 353 -7.50 7.77 -11.75
CA CYS B 353 -6.66 7.02 -12.66
C CYS B 353 -6.62 7.71 -13.99
N GLU B 354 -7.78 8.12 -14.51
CA GLU B 354 -7.83 8.71 -15.83
C GLU B 354 -7.16 10.06 -15.89
N VAL B 355 -7.23 10.84 -14.81
CA VAL B 355 -6.56 12.13 -14.78
C VAL B 355 -5.05 11.89 -14.88
N MET B 356 -4.54 10.96 -14.07
CA MET B 356 -3.10 10.60 -14.12
C MET B 356 -2.63 10.09 -15.48
N ARG B 357 -3.48 9.29 -16.10
CA ARG B 357 -3.19 8.76 -17.42
C ARG B 357 -3.20 9.82 -18.50
N ILE B 358 -4.15 10.73 -18.49
CA ILE B 358 -4.30 11.68 -19.62
C ILE B 358 -3.31 12.85 -19.60
N ARG B 359 -2.94 13.34 -18.43
CA ARG B 359 -1.93 14.40 -18.29
C ARG B 359 -0.91 13.93 -17.30
N PRO B 360 0.00 13.05 -17.74
CA PRO B 360 1.01 12.50 -16.85
C PRO B 360 1.79 13.60 -16.20
N VAL B 361 2.09 13.45 -14.91
CA VAL B 361 2.74 14.52 -14.17
C VAL B 361 4.17 14.77 -14.68
N SER B 362 4.85 13.72 -15.13
CA SER B 362 6.18 13.82 -15.70
C SER B 362 6.18 13.07 -17.02
N PRO B 363 5.87 13.75 -18.14
CA PRO B 363 5.80 13.09 -19.45
C PRO B 363 7.11 12.46 -19.85
N LEU B 364 8.20 13.07 -19.48
CA LEU B 364 9.53 12.45 -19.58
C LEU B 364 10.03 12.20 -18.17
N LEU B 365 10.20 10.92 -17.85
CA LEU B 365 10.78 10.55 -16.56
C LEU B 365 12.21 11.01 -16.43
N ILE B 366 12.64 11.09 -15.17
CA ILE B 366 14.02 11.38 -14.89
C ILE B 366 14.82 10.25 -15.58
N PRO B 367 16.01 10.59 -16.11
CA PRO B 367 16.74 9.51 -16.76
C PRO B 367 17.11 8.34 -15.84
N HIS B 368 16.91 7.12 -16.33
CA HIS B 368 17.40 5.91 -15.70
C HIS B 368 18.69 5.61 -16.41
N VAL B 369 19.80 5.81 -15.72
CA VAL B 369 21.12 5.61 -16.30
C VAL B 369 21.55 4.14 -16.17
N ALA B 370 22.07 3.59 -17.27
CA ALA B 370 22.60 2.21 -17.27
C ALA B 370 23.84 2.12 -16.42
N LEU B 371 23.83 1.22 -15.44
CA LEU B 371 24.93 1.10 -14.49
C LEU B 371 25.99 0.12 -14.97
N GLN B 372 25.59 -0.85 -15.78
CA GLN B 372 26.53 -1.71 -16.51
C GLN B 372 26.00 -1.92 -17.92
N ASP B 373 26.80 -2.56 -18.77
CA ASP B 373 26.33 -2.93 -20.10
C ASP B 373 25.17 -3.92 -19.96
N SER B 374 24.11 -3.71 -20.73
CA SER B 374 22.94 -4.57 -20.69
C SER B 374 22.25 -4.47 -22.03
N SER B 375 20.93 -4.67 -22.03
CA SER B 375 20.15 -4.83 -23.25
C SER B 375 18.67 -4.55 -22.97
N VAL B 376 17.96 -4.07 -23.96
CA VAL B 376 16.52 -3.83 -23.85
C VAL B 376 15.87 -4.39 -25.11
N GLY B 377 15.27 -5.57 -24.98
CA GLY B 377 14.45 -6.14 -26.01
C GLY B 377 15.17 -6.19 -27.35
N GLU B 378 16.00 -7.21 -27.52
CA GLU B 378 16.75 -7.44 -28.77
C GLU B 378 17.94 -6.48 -28.93
N TYR B 379 17.80 -5.25 -28.41
CA TYR B 379 18.80 -4.19 -28.59
C TYR B 379 19.84 -4.13 -27.45
N THR B 380 21.06 -3.70 -27.79
CA THR B 380 22.16 -3.55 -26.84
C THR B 380 22.10 -2.15 -26.26
N VAL B 381 22.49 -2.04 -24.99
CA VAL B 381 22.43 -0.78 -24.23
C VAL B 381 23.78 -0.54 -23.53
N GLN B 382 24.49 0.48 -23.97
CA GLN B 382 25.88 0.67 -23.56
C GLN B 382 25.90 1.29 -22.17
N LYS B 383 26.79 0.83 -21.30
CA LYS B 383 26.95 1.43 -19.96
C LYS B 383 26.95 2.95 -19.97
N GLY B 384 26.35 3.56 -18.96
CA GLY B 384 26.33 5.01 -18.83
C GLY B 384 25.25 5.73 -19.65
N THR B 385 24.51 5.02 -20.47
CA THR B 385 23.48 5.66 -21.30
C THR B 385 22.28 6.12 -20.46
N ARG B 386 21.72 7.27 -20.81
CA ARG B 386 20.59 7.84 -20.09
C ARG B 386 19.30 7.43 -20.77
N VAL B 387 18.57 6.54 -20.11
CA VAL B 387 17.31 6.04 -20.61
C VAL B 387 16.14 6.89 -20.10
N VAL B 388 15.39 7.45 -21.03
CA VAL B 388 14.29 8.34 -20.74
C VAL B 388 13.03 7.65 -21.18
N ILE B 389 12.23 7.20 -20.21
CA ILE B 389 10.91 6.69 -20.52
C ILE B 389 9.96 7.84 -20.91
N ASN B 390 9.33 7.71 -22.09
CA ASN B 390 8.35 8.69 -22.58
C ASN B 390 6.99 8.30 -22.12
N MET B 391 6.68 8.66 -20.89
CA MET B 391 5.41 8.32 -20.28
C MET B 391 4.19 8.82 -21.07
N TRP B 392 4.35 9.94 -21.77
CA TRP B 392 3.26 10.47 -22.61
C TRP B 392 2.88 9.46 -23.71
N SER B 393 3.91 8.95 -24.38
CA SER B 393 3.69 8.03 -25.45
C SER B 393 3.12 6.74 -24.91
N LEU B 394 3.55 6.32 -23.72
CA LEU B 394 2.92 5.14 -23.07
C LEU B 394 1.41 5.32 -22.79
N HIS B 395 1.03 6.47 -22.26
CA HIS B 395 -0.35 6.69 -21.86
C HIS B 395 -1.22 7.22 -22.99
N HIS B 396 -0.62 7.61 -24.12
CA HIS B 396 -1.40 8.14 -25.25
C HIS B 396 -1.25 7.35 -26.56
N ASP B 397 -0.51 6.23 -26.51
CA ASP B 397 -0.36 5.34 -27.62
C ASP B 397 -1.76 4.93 -28.08
N GLU B 398 -2.03 5.07 -29.38
CA GLU B 398 -3.34 4.69 -29.93
C GLU B 398 -3.53 3.19 -30.07
N LYS B 399 -2.41 2.44 -30.00
CA LYS B 399 -2.43 0.97 -30.06
C LYS B 399 -2.85 0.31 -28.74
N GLU B 400 -2.75 1.02 -27.62
CA GLU B 400 -3.13 0.49 -26.31
C GLU B 400 -4.24 1.27 -25.58
N TRP B 401 -4.50 2.50 -26.03
CA TRP B 401 -5.60 3.31 -25.50
C TRP B 401 -6.44 3.79 -26.68
N LYS B 402 -7.75 3.51 -26.62
CA LYS B 402 -8.67 3.97 -27.64
C LYS B 402 -9.00 5.44 -27.40
N ASN B 403 -8.97 6.26 -28.45
CA ASN B 403 -9.24 7.72 -28.35
C ASN B 403 -8.42 8.40 -27.24
N PRO B 404 -7.11 8.46 -27.40
CA PRO B 404 -6.29 8.85 -26.28
C PRO B 404 -6.50 10.27 -25.76
N GLU B 405 -7.21 11.12 -26.48
CA GLU B 405 -7.46 12.46 -25.95
C GLU B 405 -8.84 12.58 -25.31
N LEU B 406 -9.47 11.46 -24.97
CA LEU B 406 -10.84 11.49 -24.49
C LEU B 406 -10.83 11.14 -23.02
N PHE B 407 -11.32 12.08 -22.20
CA PHE B 407 -11.42 11.86 -20.76
C PHE B 407 -12.63 11.00 -20.46
N ASP B 408 -12.36 9.70 -20.28
CA ASP B 408 -13.34 8.66 -19.97
C ASP B 408 -12.82 7.86 -18.75
N PRO B 409 -13.35 8.17 -17.56
CA PRO B 409 -13.12 7.31 -16.39
C PRO B 409 -13.54 5.83 -16.54
N GLY B 410 -14.46 5.50 -17.45
CA GLY B 410 -14.88 4.12 -17.68
C GLY B 410 -13.79 3.15 -18.16
N ARG B 411 -12.69 3.71 -18.69
CA ARG B 411 -11.49 2.94 -19.05
C ARG B 411 -11.02 2.06 -17.90
N PHE B 412 -11.15 2.58 -16.68
CA PHE B 412 -10.66 1.91 -15.48
C PHE B 412 -11.72 1.25 -14.64
N LEU B 413 -12.92 1.02 -15.19
CA LEU B 413 -13.97 0.32 -14.44
C LEU B 413 -14.11 -1.09 -14.93
N ASN B 414 -14.68 -1.93 -14.08
CA ASN B 414 -14.97 -3.34 -14.38
C ASN B 414 -16.24 -3.44 -15.20
N GLU B 415 -16.57 -4.65 -15.62
CA GLU B 415 -17.77 -4.92 -16.39
C GLU B 415 -19.00 -4.14 -15.85
N GLU B 416 -19.21 -4.13 -14.52
CA GLU B 416 -20.41 -3.56 -13.95
C GLU B 416 -20.28 -2.15 -13.35
N GLY B 417 -19.08 -1.71 -13.04
CA GLY B 417 -18.89 -0.49 -12.24
C GLY B 417 -18.74 -0.82 -10.77
N ASP B 418 -18.68 -2.13 -10.46
CA ASP B 418 -18.43 -2.66 -9.13
C ASP B 418 -17.00 -2.39 -8.66
N GLY B 419 -16.08 -2.16 -9.60
CA GLY B 419 -14.65 -2.08 -9.29
C GLY B 419 -13.80 -1.72 -10.49
N LEU B 420 -12.49 -1.83 -10.34
CA LEU B 420 -11.56 -1.31 -11.35
C LEU B 420 -10.93 -2.45 -12.15
N CYS B 421 -10.60 -2.18 -13.42
CA CYS B 421 -9.78 -3.09 -14.24
C CYS B 421 -8.69 -2.29 -14.84
N CYS B 422 -7.47 -2.85 -14.77
CA CYS B 422 -6.36 -2.44 -15.58
C CYS B 422 -6.71 -2.62 -17.07
N PRO B 423 -6.88 -1.50 -17.81
CA PRO B 423 -7.20 -1.63 -19.22
C PRO B 423 -6.02 -2.04 -20.09
N SER B 424 -4.79 -1.80 -19.65
CA SER B 424 -3.61 -1.92 -20.52
C SER B 424 -2.37 -2.12 -19.68
N GLY B 425 -1.40 -2.88 -20.18
CA GLY B 425 -0.11 -3.06 -19.49
C GLY B 425 0.70 -1.78 -19.42
N SER B 426 0.36 -0.85 -20.32
CA SER B 426 1.02 0.44 -20.48
C SER B 426 0.77 1.47 -19.37
N TYR B 427 -0.14 1.19 -18.44
CA TYR B 427 -0.47 2.17 -17.42
C TYR B 427 0.50 2.09 -16.27
N LEU B 428 1.39 3.08 -16.20
CA LEU B 428 2.40 3.19 -15.15
C LEU B 428 2.36 4.57 -14.53
N PRO B 429 1.30 4.90 -13.79
CA PRO B 429 1.10 6.27 -13.35
C PRO B 429 2.13 6.72 -12.31
N PHE B 430 2.53 5.82 -11.42
CA PHE B 430 3.61 6.10 -10.44
C PHE B 430 4.91 5.38 -10.79
N GLY B 431 5.10 5.10 -12.08
CA GLY B 431 6.23 4.31 -12.54
C GLY B 431 6.14 2.93 -11.96
N ALA B 432 7.30 2.27 -11.86
CA ALA B 432 7.35 0.89 -11.38
C ALA B 432 8.78 0.47 -11.04
N GLY B 433 8.86 -0.68 -10.41
CA GLY B 433 10.12 -1.27 -10.04
C GLY B 433 10.77 -0.60 -8.85
N VAL B 434 12.05 -0.33 -9.02
CA VAL B 434 12.93 -0.08 -7.90
C VAL B 434 12.83 1.35 -7.48
N ARG B 435 12.76 2.24 -8.47
CA ARG B 435 12.60 3.68 -8.29
C ARG B 435 11.13 4.12 -8.39
N VAL B 436 10.18 3.24 -8.07
CA VAL B 436 8.76 3.62 -8.06
C VAL B 436 8.55 4.79 -7.11
N CYS B 437 7.57 5.62 -7.45
CA CYS B 437 7.30 6.85 -6.71
C CYS B 437 7.28 6.61 -5.20
N LEU B 438 8.03 7.42 -4.48
CA LEU B 438 8.11 7.31 -3.06
C LEU B 438 6.86 7.76 -2.34
N GLY B 439 6.19 8.78 -2.88
CA GLY B 439 4.99 9.33 -2.27
C GLY B 439 3.68 8.87 -2.89
N GLU B 440 3.68 7.68 -3.46
CA GLU B 440 2.51 7.11 -4.12
C GLU B 440 1.34 7.02 -3.14
N ALA B 441 1.55 6.36 -2.01
CA ALA B 441 0.50 6.18 -1.00
C ALA B 441 -0.04 7.50 -0.56
N LEU B 442 0.84 8.44 -0.22
CA LEU B 442 0.44 9.80 0.13
C LEU B 442 -0.41 10.45 -0.97
N ALA B 443 0.10 10.49 -2.19
CA ALA B 443 -0.64 11.11 -3.30
C ALA B 443 -2.02 10.53 -3.49
N LYS B 444 -2.14 9.22 -3.48
CA LYS B 444 -3.45 8.57 -3.51
C LYS B 444 -4.40 9.06 -2.40
N MET B 445 -3.89 9.22 -1.18
CA MET B 445 -4.72 9.71 -0.08
C MET B 445 -5.21 11.12 -0.37
N GLU B 446 -4.29 11.98 -0.78
CA GLU B 446 -4.60 13.40 -0.98
C GLU B 446 -5.64 13.52 -2.07
N LEU B 447 -5.35 12.95 -3.24
CA LEU B 447 -6.25 13.07 -4.41
C LEU B 447 -7.64 12.55 -4.09
N PHE B 448 -7.70 11.40 -3.46
CA PHE B 448 -8.98 10.77 -3.12
C PHE B 448 -9.78 11.65 -2.17
N LEU B 449 -9.12 12.13 -1.13
CA LEU B 449 -9.82 12.82 -0.05
C LEU B 449 -10.25 14.21 -0.47
N PHE B 450 -9.31 14.98 -1.01
CA PHE B 450 -9.64 16.31 -1.51
C PHE B 450 -10.76 16.26 -2.52
N LEU B 451 -10.64 15.41 -3.53
CA LEU B 451 -11.68 15.34 -4.56
C LEU B 451 -13.02 14.94 -3.98
N ALA B 452 -13.05 13.92 -3.13
CA ALA B 452 -14.32 13.47 -2.55
C ALA B 452 -14.93 14.57 -1.67
N TRP B 453 -14.14 15.21 -0.82
CA TRP B 453 -14.66 16.29 0.05
C TRP B 453 -15.32 17.45 -0.71
N ILE B 454 -14.66 17.88 -1.78
CA ILE B 454 -15.12 18.98 -2.60
C ILE B 454 -16.38 18.57 -3.32
N LEU B 455 -16.29 17.50 -4.09
CA LEU B 455 -17.44 17.10 -4.90
C LEU B 455 -18.64 16.63 -4.07
N GLN B 456 -18.43 16.33 -2.79
CA GLN B 456 -19.54 15.97 -1.91
C GLN B 456 -20.53 17.15 -1.78
N ARG B 457 -19.99 18.33 -1.48
CA ARG B 457 -20.79 19.53 -1.26
C ARG B 457 -20.87 20.47 -2.47
N PHE B 458 -19.81 20.57 -3.26
CA PHE B 458 -19.78 21.49 -4.42
C PHE B 458 -19.84 20.85 -5.79
N THR B 459 -20.24 21.65 -6.77
CA THR B 459 -20.05 21.36 -8.17
C THR B 459 -19.24 22.53 -8.79
N LEU B 460 -18.27 22.17 -9.62
CA LEU B 460 -17.28 23.10 -10.15
C LEU B 460 -17.73 23.67 -11.48
N GLU B 461 -17.67 24.99 -11.59
CA GLU B 461 -18.11 25.70 -12.77
C GLU B 461 -17.11 26.76 -13.14
N MET B 462 -17.23 27.20 -14.39
CA MET B 462 -16.43 28.29 -14.90
C MET B 462 -17.12 29.64 -14.63
N PRO B 463 -16.36 30.66 -14.14
CA PRO B 463 -16.97 31.97 -13.78
C PRO B 463 -17.81 32.62 -14.89
N THR B 464 -18.98 33.17 -14.53
CA THR B 464 -19.93 33.81 -15.46
C THR B 464 -20.23 33.01 -16.78
N GLY B 465 -19.89 33.56 -17.94
CA GLY B 465 -19.84 32.83 -19.20
C GLY B 465 -18.44 32.84 -19.79
N GLN B 466 -17.40 32.71 -18.95
CA GLN B 466 -16.00 32.49 -19.41
C GLN B 466 -15.87 31.13 -20.11
N PRO B 467 -14.75 30.89 -20.83
CA PRO B 467 -14.61 29.62 -21.55
C PRO B 467 -13.88 28.52 -20.74
N LEU B 468 -13.99 27.28 -21.22
CA LEU B 468 -13.36 26.10 -20.59
C LEU B 468 -11.82 26.21 -20.66
N PRO B 469 -11.10 25.68 -19.65
CA PRO B 469 -9.64 25.88 -19.65
C PRO B 469 -8.86 25.19 -20.76
N ASP B 470 -7.73 25.80 -21.08
CA ASP B 470 -6.80 25.24 -22.04
C ASP B 470 -6.13 24.02 -21.42
N LEU B 471 -6.17 22.91 -22.14
CA LEU B 471 -5.59 21.66 -21.65
C LEU B 471 -4.12 21.44 -22.07
N GLN B 472 -3.51 22.32 -22.88
CA GLN B 472 -2.08 22.18 -23.22
C GLN B 472 -1.25 22.64 -22.05
N GLY B 473 -0.23 21.85 -21.75
CA GLY B 473 0.47 22.01 -20.49
C GLY B 473 1.75 22.77 -20.64
N LYS B 474 2.03 23.66 -19.68
CA LYS B 474 3.37 24.23 -19.46
C LYS B 474 4.34 23.06 -19.11
N PHE B 475 5.28 22.79 -20.02
CA PHE B 475 6.16 21.66 -19.87
C PHE B 475 7.31 21.95 -18.90
N GLY B 476 7.75 20.90 -18.22
CA GLY B 476 8.98 20.96 -17.44
C GLY B 476 9.23 19.61 -16.80
N VAL B 477 9.99 19.63 -15.71
CA VAL B 477 10.11 18.45 -14.84
C VAL B 477 8.72 17.87 -14.49
N VAL B 478 7.77 18.77 -14.24
CA VAL B 478 6.36 18.45 -14.13
C VAL B 478 5.59 19.19 -15.22
N LEU B 479 4.55 18.51 -15.75
CA LEU B 479 3.69 19.06 -16.78
C LEU B 479 2.58 19.77 -16.10
N GLN B 480 2.63 21.10 -16.05
CA GLN B 480 1.63 21.87 -15.27
C GLN B 480 0.71 22.64 -16.19
N PRO B 481 -0.56 22.78 -15.80
CA PRO B 481 -1.52 23.51 -16.64
C PRO B 481 -1.43 25.04 -16.47
N LYS B 482 -2.03 25.74 -17.42
CA LYS B 482 -2.08 27.19 -17.39
C LYS B 482 -3.23 27.61 -16.48
N LYS B 483 -3.12 28.79 -15.88
CA LYS B 483 -4.00 29.24 -14.79
C LYS B 483 -5.48 29.13 -15.18
N PHE B 484 -6.36 28.64 -14.30
CA PHE B 484 -7.78 28.48 -14.68
C PHE B 484 -8.61 29.63 -14.22
N LYS B 485 -8.57 29.89 -12.91
CA LYS B 485 -9.61 30.69 -12.23
C LYS B 485 -10.97 29.97 -12.39
N VAL B 486 -11.34 29.21 -11.37
CA VAL B 486 -12.51 28.33 -11.43
C VAL B 486 -13.23 28.49 -10.10
N VAL B 487 -14.56 28.53 -10.16
CA VAL B 487 -15.37 28.79 -8.96
C VAL B 487 -16.18 27.56 -8.56
N ALA B 488 -16.43 27.47 -7.25
CA ALA B 488 -17.15 26.36 -6.62
C ALA B 488 -18.53 26.82 -6.12
N LYS B 489 -19.58 26.30 -6.74
CA LYS B 489 -20.92 26.67 -6.37
C LYS B 489 -21.61 25.46 -5.78
N VAL B 490 -22.15 25.58 -4.56
CA VAL B 490 -22.88 24.46 -3.91
C VAL B 490 -24.10 24.25 -4.79
N ARG B 491 -24.61 23.03 -4.98
CA ARG B 491 -24.55 21.92 -4.05
C ARG B 491 -24.34 20.59 -4.83
N ALA B 492 -24.27 19.45 -4.11
CA ALA B 492 -23.97 18.11 -4.72
C ALA B 492 -24.49 16.90 -3.92
#